data_7SKC
#
_entry.id   7SKC
#
_entity_poly.entity_id   1
_entity_poly.type   'polypeptide(L)'
_entity_poly.pdbx_seq_one_letter_code
;GDCLGWFSGCDPNNNKCCEGYVCHWKYPWCRYDL
;
_entity_poly.pdbx_strand_id   A
#
# COMPACT_ATOMS: atom_id res chain seq x y z
N GLY A 1 2.32 -9.48 12.38
CA GLY A 1 2.18 -8.53 11.29
C GLY A 1 3.33 -7.56 11.20
N ASP A 2 3.89 -7.41 10.01
CA ASP A 2 5.02 -6.50 9.80
C ASP A 2 4.62 -5.34 8.89
N CYS A 3 3.96 -5.68 7.78
CA CYS A 3 3.53 -4.66 6.83
C CYS A 3 2.01 -4.51 6.85
N LEU A 4 1.52 -3.44 6.22
CA LEU A 4 0.09 -3.18 6.17
C LEU A 4 -0.64 -4.23 5.34
N GLY A 5 -0.19 -4.42 4.11
CA GLY A 5 -0.81 -5.40 3.23
C GLY A 5 -1.72 -4.76 2.20
N TRP A 6 -1.82 -5.39 1.04
CA TRP A 6 -2.67 -4.88 -0.04
C TRP A 6 -4.08 -4.61 0.47
N PHE A 7 -4.53 -5.42 1.42
CA PHE A 7 -5.87 -5.26 1.99
C PHE A 7 -5.94 -4.01 2.85
N SER A 8 -4.88 -3.75 3.60
CA SER A 8 -4.82 -2.58 4.48
C SER A 8 -4.69 -1.30 3.68
N GLY A 9 -5.19 -0.20 4.24
CA GLY A 9 -5.12 1.07 3.55
C GLY A 9 -3.88 1.87 3.92
N CYS A 10 -3.26 2.50 2.92
CA CYS A 10 -2.05 3.29 3.15
C CYS A 10 -2.07 4.55 2.28
N ASP A 11 -1.13 5.45 2.56
CA ASP A 11 -1.03 6.70 1.81
C ASP A 11 0.25 6.73 0.99
N PRO A 12 0.27 7.60 -0.04
CA PRO A 12 1.43 7.75 -0.92
C PRO A 12 2.62 8.40 -0.22
N ASN A 13 2.33 9.28 0.73
CA ASN A 13 3.38 9.97 1.48
C ASN A 13 3.76 9.18 2.73
N ASN A 14 2.82 8.40 3.23
CA ASN A 14 3.05 7.60 4.43
C ASN A 14 2.85 6.11 4.13
N ASN A 15 3.41 5.66 3.01
CA ASN A 15 3.29 4.26 2.61
C ASN A 15 3.92 3.34 3.65
N LYS A 16 3.12 2.43 4.18
CA LYS A 16 3.60 1.48 5.19
C LYS A 16 3.25 0.05 4.80
N CYS A 17 3.32 -0.25 3.52
CA CYS A 17 3.01 -1.58 3.01
C CYS A 17 4.29 -2.37 2.75
N CYS A 18 4.12 -3.64 2.38
CA CYS A 18 5.27 -4.51 2.10
C CYS A 18 5.73 -4.35 0.66
N GLU A 19 6.95 -4.79 0.38
CA GLU A 19 7.51 -4.70 -0.97
C GLU A 19 6.54 -5.28 -2.00
N GLY A 20 6.32 -4.52 -3.07
CA GLY A 20 5.42 -4.98 -4.11
C GLY A 20 4.17 -4.13 -4.21
N TYR A 21 3.71 -3.62 -3.08
CA TYR A 21 2.51 -2.79 -3.04
C TYR A 21 2.87 -1.31 -3.19
N VAL A 22 1.92 -0.52 -3.67
CA VAL A 22 2.13 0.91 -3.86
C VAL A 22 0.88 1.70 -3.47
N CYS A 23 1.08 2.74 -2.66
CA CYS A 23 -0.02 3.58 -2.22
C CYS A 23 -0.26 4.73 -3.20
N HIS A 24 -0.54 4.38 -4.45
CA HIS A 24 -0.80 5.38 -5.48
C HIS A 24 -1.96 6.29 -5.08
N TRP A 25 -1.78 7.58 -5.31
CA TRP A 25 -2.82 8.56 -4.98
C TRP A 25 -4.16 8.16 -5.58
N LYS A 26 -4.12 7.41 -6.67
CA LYS A 26 -5.33 6.95 -7.33
C LYS A 26 -6.32 6.38 -6.33
N TYR A 27 -5.83 5.47 -5.47
CA TYR A 27 -6.68 4.85 -4.47
C TYR A 27 -5.93 4.71 -3.13
N PRO A 28 -6.70 4.70 -2.03
CA PRO A 28 -6.12 4.57 -0.69
C PRO A 28 -5.53 3.19 -0.44
N TRP A 29 -6.30 2.15 -0.76
CA TRP A 29 -5.85 0.78 -0.56
C TRP A 29 -4.56 0.52 -1.32
N CYS A 30 -3.70 -0.33 -0.76
CA CYS A 30 -2.43 -0.66 -1.39
C CYS A 30 -2.65 -1.46 -2.67
N ARG A 31 -2.34 -0.86 -3.81
CA ARG A 31 -2.50 -1.51 -5.10
C ARG A 31 -1.23 -2.25 -5.49
N TYR A 32 -1.40 -3.39 -6.18
CA TYR A 32 -0.28 -4.19 -6.61
C TYR A 32 0.60 -3.42 -7.60
N ASP A 33 1.84 -3.86 -7.76
CA ASP A 33 2.77 -3.22 -8.66
C ASP A 33 3.20 -4.17 -9.78
N LEU A 34 2.23 -4.72 -10.49
CA LEU A 34 2.51 -5.65 -11.57
C LEU A 34 2.29 -4.99 -12.93
N GLY A 1 1.84 -7.86 12.92
CA GLY A 1 2.36 -8.23 11.63
C GLY A 1 3.65 -7.49 11.28
N ASP A 2 3.95 -7.42 10.00
CA ASP A 2 5.16 -6.73 9.53
C ASP A 2 4.80 -5.56 8.62
N CYS A 3 3.87 -5.81 7.69
CA CYS A 3 3.44 -4.77 6.76
C CYS A 3 1.94 -4.56 6.84
N LEU A 4 1.45 -3.50 6.19
CA LEU A 4 0.04 -3.19 6.18
C LEU A 4 -0.76 -4.22 5.38
N GLY A 5 -0.35 -4.43 4.13
CA GLY A 5 -1.03 -5.38 3.28
C GLY A 5 -1.99 -4.73 2.31
N TRP A 6 -2.18 -5.35 1.16
CA TRP A 6 -3.08 -4.82 0.14
C TRP A 6 -4.45 -4.52 0.74
N PHE A 7 -4.85 -5.32 1.71
CA PHE A 7 -6.15 -5.13 2.37
C PHE A 7 -6.16 -3.87 3.22
N SER A 8 -5.03 -3.59 3.87
CA SER A 8 -4.91 -2.41 4.72
C SER A 8 -4.76 -1.15 3.88
N GLY A 9 -5.15 -0.01 4.45
CA GLY A 9 -5.06 1.25 3.73
C GLY A 9 -3.78 1.99 4.04
N CYS A 10 -3.18 2.58 3.01
CA CYS A 10 -1.94 3.33 3.17
C CYS A 10 -1.93 4.57 2.28
N ASP A 11 -0.95 5.45 2.50
CA ASP A 11 -0.84 6.67 1.73
C ASP A 11 0.39 6.63 0.83
N PRO A 12 0.41 7.48 -0.20
CA PRO A 12 1.51 7.55 -1.16
C PRO A 12 2.77 8.16 -0.54
N ASN A 13 2.59 9.08 0.40
CA ASN A 13 3.70 9.72 1.06
C ASN A 13 4.11 8.95 2.32
N ASN A 14 3.15 8.24 2.90
CA ASN A 14 3.41 7.45 4.11
C ASN A 14 3.18 5.97 3.85
N ASN A 15 3.69 5.48 2.71
CA ASN A 15 3.55 4.08 2.35
C ASN A 15 4.10 3.17 3.44
N LYS A 16 3.27 2.26 3.91
CA LYS A 16 3.68 1.32 4.96
C LYS A 16 3.25 -0.10 4.61
N CYS A 17 3.31 -0.43 3.32
CA CYS A 17 2.94 -1.76 2.86
C CYS A 17 4.18 -2.60 2.58
N CYS A 18 3.95 -3.87 2.23
CA CYS A 18 5.05 -4.79 1.94
C CYS A 18 5.48 -4.66 0.47
N GLU A 19 6.67 -5.16 0.18
CA GLU A 19 7.20 -5.11 -1.18
C GLU A 19 6.19 -5.69 -2.18
N GLY A 20 5.93 -4.94 -3.24
CA GLY A 20 4.99 -5.37 -4.25
C GLY A 20 3.77 -4.49 -4.34
N TYR A 21 3.36 -3.94 -3.20
CA TYR A 21 2.19 -3.06 -3.15
C TYR A 21 2.59 -1.61 -3.36
N VAL A 22 1.62 -0.78 -3.71
CA VAL A 22 1.86 0.64 -3.94
C VAL A 22 0.66 1.48 -3.52
N CYS A 23 0.92 2.53 -2.75
CA CYS A 23 -0.14 3.41 -2.28
C CYS A 23 -0.38 4.55 -3.26
N HIS A 24 -0.67 4.19 -4.52
CA HIS A 24 -0.93 5.19 -5.55
C HIS A 24 -2.03 6.15 -5.14
N TRP A 25 -1.83 7.42 -5.40
CA TRP A 25 -2.80 8.44 -5.05
C TRP A 25 -4.19 8.08 -5.59
N LYS A 26 -4.21 7.31 -6.67
CA LYS A 26 -5.47 6.88 -7.27
C LYS A 26 -6.43 6.36 -6.21
N TYR A 27 -5.95 5.47 -5.37
CA TYR A 27 -6.77 4.89 -4.31
C TYR A 27 -5.99 4.76 -3.02
N PRO A 28 -6.71 4.79 -1.88
CA PRO A 28 -6.09 4.67 -0.55
C PRO A 28 -5.53 3.28 -0.28
N TRP A 29 -6.35 2.26 -0.57
CA TRP A 29 -5.93 0.88 -0.35
C TRP A 29 -4.69 0.55 -1.17
N CYS A 30 -3.84 -0.31 -0.62
CA CYS A 30 -2.61 -0.70 -1.30
C CYS A 30 -2.92 -1.55 -2.53
N ARG A 31 -2.65 -0.99 -3.71
CA ARG A 31 -2.89 -1.69 -4.96
C ARG A 31 -1.66 -2.47 -5.40
N TYR A 32 -1.88 -3.57 -6.13
CA TYR A 32 -0.78 -4.40 -6.60
C TYR A 32 -0.15 -3.80 -7.86
N ASP A 33 1.17 -3.69 -7.86
CA ASP A 33 1.90 -3.14 -9.00
C ASP A 33 2.28 -4.24 -9.98
N LEU A 34 3.16 -5.13 -9.54
CA LEU A 34 3.62 -6.23 -10.39
C LEU A 34 2.74 -7.47 -10.19
N GLY A 1 6.81 -10.08 8.99
CA GLY A 1 6.00 -9.18 8.18
C GLY A 1 5.21 -8.20 9.01
N ASP A 2 5.78 -7.03 9.25
CA ASP A 2 5.12 -5.99 10.04
C ASP A 2 4.67 -4.84 9.15
N CYS A 3 3.96 -5.16 8.08
CA CYS A 3 3.47 -4.16 7.15
C CYS A 3 1.95 -4.01 7.26
N LEU A 4 1.38 -3.18 6.40
CA LEU A 4 -0.06 -2.96 6.39
C LEU A 4 -0.78 -4.05 5.61
N GLY A 5 -0.38 -4.24 4.36
CA GLY A 5 -1.00 -5.25 3.53
C GLY A 5 -1.93 -4.66 2.49
N TRP A 6 -2.05 -5.34 1.35
CA TRP A 6 -2.92 -4.87 0.28
C TRP A 6 -4.32 -4.57 0.80
N PHE A 7 -4.76 -5.34 1.79
CA PHE A 7 -6.07 -5.16 2.38
C PHE A 7 -6.13 -3.88 3.22
N SER A 8 -5.04 -3.61 3.94
CA SER A 8 -4.96 -2.44 4.79
C SER A 8 -4.78 -1.17 3.95
N GLY A 9 -5.34 -0.06 4.43
CA GLY A 9 -5.23 1.20 3.71
C GLY A 9 -3.95 1.94 4.04
N CYS A 10 -3.32 2.53 3.02
CA CYS A 10 -2.09 3.27 3.20
C CYS A 10 -2.06 4.51 2.33
N ASP A 11 -1.10 5.39 2.57
CA ASP A 11 -0.96 6.62 1.80
C ASP A 11 0.26 6.56 0.90
N PRO A 12 0.27 7.42 -0.14
CA PRO A 12 1.37 7.49 -1.11
C PRO A 12 2.65 8.06 -0.49
N ASN A 13 2.48 8.96 0.47
CA ASN A 13 3.62 9.58 1.13
C ASN A 13 4.04 8.78 2.36
N ASN A 14 3.09 8.06 2.94
CA ASN A 14 3.36 7.24 4.12
C ASN A 14 3.23 5.75 3.80
N ASN A 15 3.81 5.35 2.66
CA ASN A 15 3.75 3.96 2.24
C ASN A 15 4.24 3.03 3.35
N LYS A 16 3.30 2.31 3.96
CA LYS A 16 3.63 1.39 5.04
C LYS A 16 3.16 -0.03 4.70
N CYS A 17 3.27 -0.39 3.42
CA CYS A 17 2.87 -1.71 2.97
C CYS A 17 4.09 -2.59 2.70
N CYS A 18 3.84 -3.86 2.38
CA CYS A 18 4.92 -4.80 2.11
C CYS A 18 5.37 -4.71 0.66
N GLU A 19 6.58 -5.20 0.39
CA GLU A 19 7.12 -5.18 -0.97
C GLU A 19 6.14 -5.77 -1.96
N GLY A 20 5.87 -5.03 -3.04
CA GLY A 20 4.93 -5.50 -4.05
C GLY A 20 3.72 -4.61 -4.18
N TYR A 21 3.29 -4.03 -3.06
CA TYR A 21 2.12 -3.15 -3.05
C TYR A 21 2.53 -1.70 -3.26
N VAL A 22 1.57 -0.87 -3.65
CA VAL A 22 1.83 0.54 -3.88
C VAL A 22 0.63 1.39 -3.48
N CYS A 23 0.89 2.43 -2.69
CA CYS A 23 -0.18 3.32 -2.23
C CYS A 23 -0.38 4.47 -3.22
N HIS A 24 -0.67 4.13 -4.47
CA HIS A 24 -0.88 5.13 -5.50
C HIS A 24 -2.00 6.10 -5.10
N TRP A 25 -1.79 7.37 -5.36
CA TRP A 25 -2.78 8.40 -5.03
C TRP A 25 -4.15 8.03 -5.59
N LYS A 26 -4.15 7.26 -6.67
CA LYS A 26 -5.40 6.84 -7.30
C LYS A 26 -6.39 6.31 -6.26
N TYR A 27 -5.92 5.41 -5.41
CA TYR A 27 -6.76 4.84 -4.37
C TYR A 27 -5.99 4.70 -3.06
N PRO A 28 -6.73 4.73 -1.94
CA PRO A 28 -6.15 4.62 -0.60
C PRO A 28 -5.60 3.22 -0.32
N TRP A 29 -6.40 2.21 -0.62
CA TRP A 29 -5.99 0.83 -0.40
C TRP A 29 -4.73 0.49 -1.20
N CYS A 30 -3.87 -0.35 -0.62
CA CYS A 30 -2.64 -0.74 -1.28
C CYS A 30 -2.91 -1.63 -2.49
N ARG A 31 -2.64 -1.09 -3.68
CA ARG A 31 -2.85 -1.83 -4.92
C ARG A 31 -1.60 -2.62 -5.31
N TYR A 32 -1.80 -3.69 -6.07
CA TYR A 32 -0.69 -4.53 -6.51
C TYR A 32 0.00 -3.92 -7.73
N ASP A 33 1.30 -3.72 -7.61
CA ASP A 33 2.08 -3.14 -8.70
C ASP A 33 2.65 -4.23 -9.61
N LEU A 34 1.77 -5.09 -10.12
CA LEU A 34 2.17 -6.18 -10.99
C LEU A 34 1.92 -5.82 -12.46
N GLY A 1 2.11 -8.96 11.95
CA GLY A 1 1.76 -7.87 11.07
C GLY A 1 2.87 -6.83 10.97
N ASP A 2 3.94 -7.18 10.26
CA ASP A 2 5.08 -6.28 10.10
C ASP A 2 4.69 -5.09 9.20
N CYS A 3 3.86 -5.35 8.21
CA CYS A 3 3.42 -4.31 7.29
C CYS A 3 1.90 -4.16 7.32
N LEU A 4 1.38 -3.30 6.46
CA LEU A 4 -0.05 -3.05 6.38
C LEU A 4 -0.75 -4.14 5.57
N GLY A 5 -0.29 -4.33 4.34
CA GLY A 5 -0.87 -5.35 3.48
C GLY A 5 -1.82 -4.75 2.45
N TRP A 6 -1.92 -5.40 1.30
CA TRP A 6 -2.80 -4.93 0.23
C TRP A 6 -4.21 -4.68 0.76
N PHE A 7 -4.63 -5.48 1.74
CA PHE A 7 -5.95 -5.35 2.33
C PHE A 7 -6.05 -4.07 3.14
N SER A 8 -4.98 -3.74 3.86
CA SER A 8 -4.95 -2.54 4.68
C SER A 8 -4.75 -1.29 3.84
N GLY A 9 -5.40 -0.19 4.24
CA GLY A 9 -5.28 1.04 3.50
C GLY A 9 -4.04 1.83 3.88
N CYS A 10 -3.39 2.43 2.89
CA CYS A 10 -2.19 3.22 3.11
C CYS A 10 -2.17 4.47 2.23
N ASP A 11 -1.23 5.36 2.51
CA ASP A 11 -1.10 6.59 1.74
C ASP A 11 0.19 6.58 0.91
N PRO A 12 0.22 7.43 -0.13
CA PRO A 12 1.38 7.54 -1.01
C PRO A 12 2.60 8.17 -0.33
N ASN A 13 2.32 9.08 0.60
CA ASN A 13 3.38 9.76 1.34
C ASN A 13 3.75 8.98 2.60
N ASN A 14 2.78 8.23 3.13
CA ASN A 14 3.01 7.44 4.34
C ASN A 14 2.83 5.95 4.05
N ASN A 15 3.43 5.48 2.97
CA ASN A 15 3.33 4.07 2.58
C ASN A 15 3.91 3.17 3.68
N LYS A 16 3.08 2.28 4.19
CA LYS A 16 3.50 1.35 5.24
C LYS A 16 3.14 -0.09 4.89
N CYS A 17 3.21 -0.41 3.60
CA CYS A 17 2.89 -1.75 3.13
C CYS A 17 4.16 -2.56 2.88
N CYS A 18 3.97 -3.84 2.54
CA CYS A 18 5.10 -4.72 2.29
C CYS A 18 5.58 -4.59 0.84
N GLU A 19 6.78 -5.10 0.57
CA GLU A 19 7.35 -5.04 -0.76
C GLU A 19 6.38 -5.59 -1.79
N GLY A 20 6.25 -4.88 -2.91
CA GLY A 20 5.34 -5.32 -3.97
C GLY A 20 4.10 -4.45 -4.06
N TYR A 21 3.65 -3.93 -2.92
CA TYR A 21 2.47 -3.08 -2.88
C TYR A 21 2.85 -1.62 -3.03
N VAL A 22 1.92 -0.81 -3.55
CA VAL A 22 2.15 0.60 -3.75
C VAL A 22 0.90 1.42 -3.41
N CYS A 23 1.10 2.47 -2.61
CA CYS A 23 -0.01 3.33 -2.21
C CYS A 23 -0.21 4.46 -3.22
N HIS A 24 -0.46 4.10 -4.47
CA HIS A 24 -0.66 5.09 -5.53
C HIS A 24 -1.82 6.01 -5.19
N TRP A 25 -1.65 7.30 -5.45
CA TRP A 25 -2.69 8.28 -5.18
C TRP A 25 -4.01 7.87 -5.79
N LYS A 26 -3.94 7.08 -6.86
CA LYS A 26 -5.14 6.62 -7.56
C LYS A 26 -6.16 6.07 -6.57
N TYR A 27 -5.70 5.19 -5.68
CA TYR A 27 -6.57 4.59 -4.68
C TYR A 27 -5.87 4.50 -3.32
N PRO A 28 -6.67 4.51 -2.25
CA PRO A 28 -6.14 4.43 -0.88
C PRO A 28 -5.56 3.06 -0.56
N TRP A 29 -6.31 2.01 -0.89
CA TRP A 29 -5.87 0.64 -0.63
C TRP A 29 -4.55 0.35 -1.35
N CYS A 30 -3.71 -0.47 -0.73
CA CYS A 30 -2.42 -0.83 -1.31
C CYS A 30 -2.60 -1.70 -2.54
N ARG A 31 -2.28 -1.15 -3.71
CA ARG A 31 -2.40 -1.89 -4.97
C ARG A 31 -1.08 -2.52 -5.36
N TYR A 32 -1.15 -3.72 -5.93
CA TYR A 32 0.04 -4.44 -6.34
C TYR A 32 0.87 -3.61 -7.31
N ASP A 33 2.11 -4.04 -7.54
CA ASP A 33 3.01 -3.33 -8.45
C ASP A 33 3.20 -4.11 -9.74
N LEU A 34 2.09 -4.53 -10.35
CA LEU A 34 2.15 -5.28 -11.60
C LEU A 34 1.95 -4.37 -12.80
N GLY A 1 1.72 -7.71 10.84
CA GLY A 1 2.63 -7.14 11.83
C GLY A 1 3.84 -6.48 11.20
N ASP A 2 4.35 -7.08 10.13
CA ASP A 2 5.52 -6.54 9.44
C ASP A 2 5.11 -5.41 8.49
N CYS A 3 4.06 -5.65 7.71
CA CYS A 3 3.58 -4.67 6.76
C CYS A 3 2.07 -4.47 6.91
N LEU A 4 1.54 -3.42 6.28
CA LEU A 4 0.12 -3.13 6.34
C LEU A 4 -0.69 -4.19 5.59
N GLY A 5 -0.35 -4.40 4.33
CA GLY A 5 -1.06 -5.38 3.52
C GLY A 5 -1.95 -4.75 2.47
N TRP A 6 -2.10 -5.42 1.34
CA TRP A 6 -2.93 -4.92 0.25
C TRP A 6 -4.32 -4.54 0.76
N PHE A 7 -4.80 -5.29 1.75
CA PHE A 7 -6.12 -5.04 2.31
C PHE A 7 -6.11 -3.79 3.19
N SER A 8 -5.00 -3.59 3.91
CA SER A 8 -4.88 -2.44 4.80
C SER A 8 -4.76 -1.15 3.99
N GLY A 9 -5.34 -0.08 4.51
CA GLY A 9 -5.30 1.20 3.82
C GLY A 9 -4.03 1.98 4.13
N CYS A 10 -3.44 2.58 3.11
CA CYS A 10 -2.21 3.35 3.27
C CYS A 10 -2.24 4.59 2.37
N ASP A 11 -1.28 5.48 2.59
CA ASP A 11 -1.18 6.71 1.81
C ASP A 11 0.04 6.68 0.91
N PRO A 12 0.04 7.53 -0.13
CA PRO A 12 1.15 7.63 -1.09
C PRO A 12 2.39 8.25 -0.47
N ASN A 13 2.19 9.16 0.47
CA ASN A 13 3.29 9.83 1.14
C ASN A 13 3.73 9.06 2.38
N ASN A 14 2.80 8.30 2.97
CA ASN A 14 3.08 7.51 4.16
C ASN A 14 2.93 6.03 3.88
N ASN A 15 3.48 5.58 2.74
CA ASN A 15 3.40 4.18 2.35
C ASN A 15 4.01 3.30 3.42
N LYS A 16 3.24 2.32 3.89
CA LYS A 16 3.71 1.38 4.92
C LYS A 16 3.28 -0.03 4.59
N CYS A 17 3.27 -0.38 3.30
CA CYS A 17 2.88 -1.71 2.86
C CYS A 17 4.11 -2.55 2.54
N CYS A 18 3.88 -3.82 2.21
CA CYS A 18 4.96 -4.74 1.89
C CYS A 18 5.35 -4.62 0.42
N GLU A 19 6.52 -5.13 0.07
CA GLU A 19 7.00 -5.09 -1.31
C GLU A 19 5.95 -5.65 -2.27
N GLY A 20 5.69 -4.92 -3.34
CA GLY A 20 4.71 -5.36 -4.31
C GLY A 20 3.49 -4.47 -4.35
N TYR A 21 3.12 -3.92 -3.20
CA TYR A 21 1.96 -3.05 -3.11
C TYR A 21 2.37 -1.59 -3.27
N VAL A 22 1.39 -0.74 -3.62
CA VAL A 22 1.64 0.68 -3.81
C VAL A 22 0.43 1.51 -3.40
N CYS A 23 0.67 2.57 -2.63
CA CYS A 23 -0.40 3.45 -2.17
C CYS A 23 -0.64 4.58 -3.17
N HIS A 24 -0.93 4.20 -4.42
CA HIS A 24 -1.19 5.18 -5.47
C HIS A 24 -2.31 6.13 -5.07
N TRP A 25 -2.13 7.41 -5.35
CA TRP A 25 -3.13 8.41 -5.02
C TRP A 25 -4.50 8.02 -5.54
N LYS A 26 -4.51 7.22 -6.62
CA LYS A 26 -5.76 6.77 -7.22
C LYS A 26 -6.71 6.24 -6.15
N TYR A 27 -6.21 5.36 -5.30
CA TYR A 27 -7.03 4.78 -4.24
C TYR A 27 -6.23 4.66 -2.95
N PRO A 28 -6.94 4.68 -1.81
CA PRO A 28 -6.33 4.58 -0.48
C PRO A 28 -5.76 3.20 -0.22
N TRP A 29 -6.56 2.17 -0.48
CA TRP A 29 -6.14 0.79 -0.26
C TRP A 29 -4.88 0.48 -1.07
N CYS A 30 -4.00 -0.35 -0.50
CA CYS A 30 -2.77 -0.73 -1.17
C CYS A 30 -3.05 -1.58 -2.40
N ARG A 31 -2.81 -1.00 -3.58
CA ARG A 31 -3.05 -1.71 -4.83
C ARG A 31 -1.78 -2.41 -5.30
N TYR A 32 -1.96 -3.57 -5.92
CA TYR A 32 -0.84 -4.36 -6.41
C TYR A 32 -0.24 -3.73 -7.66
N ASP A 33 1.02 -4.06 -7.94
CA ASP A 33 1.71 -3.51 -9.11
C ASP A 33 2.38 -4.62 -9.91
N LEU A 34 3.47 -5.16 -9.38
CA LEU A 34 4.19 -6.23 -10.05
C LEU A 34 4.00 -7.56 -9.31
N GLY A 1 5.62 -10.42 9.02
CA GLY A 1 5.24 -9.36 8.11
C GLY A 1 4.68 -8.15 8.84
N ASP A 2 5.56 -7.33 9.39
CA ASP A 2 5.15 -6.13 10.12
C ASP A 2 4.79 -5.00 9.15
N CYS A 3 3.76 -5.22 8.34
CA CYS A 3 3.32 -4.22 7.37
C CYS A 3 1.80 -4.04 7.44
N LEU A 4 1.29 -3.18 6.57
CA LEU A 4 -0.15 -2.92 6.52
C LEU A 4 -0.88 -3.99 5.73
N GLY A 5 -0.44 -4.20 4.48
CA GLY A 5 -1.06 -5.20 3.64
C GLY A 5 -1.94 -4.60 2.57
N TRP A 6 -2.05 -5.28 1.43
CA TRP A 6 -2.86 -4.79 0.32
C TRP A 6 -4.27 -4.43 0.79
N PHE A 7 -4.77 -5.18 1.78
CA PHE A 7 -6.10 -4.94 2.32
C PHE A 7 -6.14 -3.66 3.13
N SER A 8 -5.07 -3.41 3.89
CA SER A 8 -4.98 -2.22 4.73
C SER A 8 -4.78 -0.97 3.87
N GLY A 9 -5.25 0.16 4.37
CA GLY A 9 -5.12 1.41 3.65
C GLY A 9 -3.85 2.16 3.99
N CYS A 10 -3.17 2.69 2.98
CA CYS A 10 -1.93 3.43 3.18
C CYS A 10 -1.86 4.63 2.25
N ASP A 11 -1.05 5.61 2.63
CA ASP A 11 -0.89 6.82 1.82
C ASP A 11 0.35 6.71 0.92
N PRO A 12 0.39 7.52 -0.14
CA PRO A 12 1.50 7.52 -1.09
C PRO A 12 2.77 8.11 -0.48
N ASN A 13 2.61 9.05 0.44
CA ASN A 13 3.75 9.68 1.09
C ASN A 13 4.13 8.93 2.36
N ASN A 14 3.17 8.24 2.95
CA ASN A 14 3.41 7.48 4.17
C ASN A 14 3.24 5.98 3.91
N ASN A 15 3.81 5.51 2.80
CA ASN A 15 3.73 4.11 2.44
C ASN A 15 4.21 3.22 3.58
N LYS A 16 3.33 2.34 4.05
CA LYS A 16 3.65 1.43 5.14
C LYS A 16 3.18 0.02 4.83
N CYS A 17 3.27 -0.37 3.55
CA CYS A 17 2.85 -1.70 3.13
C CYS A 17 4.06 -2.60 2.88
N CYS A 18 3.79 -3.87 2.59
CA CYS A 18 4.86 -4.83 2.34
C CYS A 18 5.31 -4.78 0.88
N GLU A 19 6.48 -5.34 0.61
CA GLU A 19 7.02 -5.35 -0.75
C GLU A 19 5.99 -5.90 -1.73
N GLY A 20 5.89 -5.25 -2.88
CA GLY A 20 4.94 -5.67 -3.90
C GLY A 20 3.74 -4.75 -4.01
N TYR A 21 3.34 -4.17 -2.88
CA TYR A 21 2.21 -3.26 -2.86
C TYR A 21 2.66 -1.81 -3.06
N VAL A 22 1.72 -0.96 -3.47
CA VAL A 22 2.03 0.45 -3.70
C VAL A 22 0.82 1.33 -3.35
N CYS A 23 1.07 2.37 -2.57
CA CYS A 23 0.01 3.29 -2.17
C CYS A 23 -0.13 4.42 -3.18
N HIS A 24 -0.40 4.07 -4.42
CA HIS A 24 -0.56 5.06 -5.49
C HIS A 24 -1.70 6.02 -5.16
N TRP A 25 -1.50 7.30 -5.46
CA TRP A 25 -2.51 8.31 -5.20
C TRP A 25 -3.85 7.91 -5.81
N LYS A 26 -3.80 7.11 -6.86
CA LYS A 26 -5.00 6.65 -7.54
C LYS A 26 -6.04 6.17 -6.53
N TYR A 27 -5.61 5.33 -5.61
CA TYR A 27 -6.49 4.78 -4.58
C TYR A 27 -5.79 4.73 -3.23
N PRO A 28 -6.59 4.80 -2.14
CA PRO A 28 -6.08 4.76 -0.77
C PRO A 28 -5.54 3.38 -0.40
N TRP A 29 -6.27 2.34 -0.75
CA TRP A 29 -5.86 0.98 -0.45
C TRP A 29 -4.59 0.61 -1.22
N CYS A 30 -3.78 -0.27 -0.63
CA CYS A 30 -2.53 -0.69 -1.25
C CYS A 30 -2.81 -1.61 -2.43
N ARG A 31 -2.46 -1.14 -3.63
CA ARG A 31 -2.67 -1.93 -4.84
C ARG A 31 -1.39 -2.64 -5.25
N TYR A 32 -1.54 -3.77 -5.94
CA TYR A 32 -0.39 -4.56 -6.39
C TYR A 32 0.39 -3.80 -7.45
N ASP A 33 1.72 -3.88 -7.36
CA ASP A 33 2.59 -3.21 -8.33
C ASP A 33 2.36 -3.74 -9.73
N LEU A 34 2.27 -5.06 -9.85
CA LEU A 34 2.06 -5.70 -11.14
C LEU A 34 0.62 -6.20 -11.27
N GLY A 1 2.64 -9.61 11.72
CA GLY A 1 2.24 -8.52 10.83
C GLY A 1 3.11 -7.30 10.99
N ASP A 2 4.03 -7.10 10.04
CA ASP A 2 4.93 -5.95 10.08
C ASP A 2 4.38 -4.81 9.25
N CYS A 3 4.20 -5.04 7.96
CA CYS A 3 3.69 -4.02 7.05
C CYS A 3 2.18 -3.89 7.19
N LEU A 4 1.57 -3.07 6.33
CA LEU A 4 0.13 -2.86 6.35
C LEU A 4 -0.60 -3.95 5.59
N GLY A 5 -0.22 -4.13 4.32
CA GLY A 5 -0.85 -5.15 3.49
C GLY A 5 -1.81 -4.55 2.47
N TRP A 6 -1.96 -5.23 1.34
CA TRP A 6 -2.85 -4.76 0.29
C TRP A 6 -4.24 -4.46 0.84
N PHE A 7 -4.65 -5.23 1.84
CA PHE A 7 -5.95 -5.05 2.46
C PHE A 7 -5.99 -3.79 3.31
N SER A 8 -4.88 -3.52 4.01
CA SER A 8 -4.79 -2.34 4.86
C SER A 8 -4.61 -1.08 4.03
N GLY A 9 -5.34 -0.03 4.39
CA GLY A 9 -5.25 1.23 3.67
C GLY A 9 -3.99 2.01 4.01
N CYS A 10 -3.35 2.56 2.98
CA CYS A 10 -2.13 3.34 3.17
C CYS A 10 -2.13 4.59 2.29
N ASP A 11 -1.17 5.47 2.54
CA ASP A 11 -1.06 6.70 1.76
C ASP A 11 0.17 6.65 0.84
N PRO A 12 0.16 7.51 -0.18
CA PRO A 12 1.25 7.58 -1.16
C PRO A 12 2.53 8.17 -0.56
N ASN A 13 2.36 9.05 0.42
CA ASN A 13 3.49 9.68 1.09
C ASN A 13 3.95 8.85 2.29
N ASN A 14 3.03 8.10 2.87
CA ASN A 14 3.34 7.26 4.02
C ASN A 14 3.22 5.78 3.66
N ASN A 15 3.76 5.41 2.51
CA ASN A 15 3.72 4.02 2.06
C ASN A 15 4.31 3.08 3.11
N LYS A 16 3.44 2.42 3.85
CA LYS A 16 3.87 1.49 4.89
C LYS A 16 3.41 0.08 4.58
N CYS A 17 3.42 -0.28 3.29
CA CYS A 17 3.00 -1.61 2.86
C CYS A 17 4.21 -2.49 2.58
N CYS A 18 3.96 -3.75 2.26
CA CYS A 18 5.03 -4.70 1.97
C CYS A 18 5.45 -4.61 0.50
N GLU A 19 6.65 -5.08 0.21
CA GLU A 19 7.18 -5.05 -1.15
C GLU A 19 6.18 -5.66 -2.13
N GLY A 20 5.90 -4.94 -3.21
CA GLY A 20 4.97 -5.42 -4.20
C GLY A 20 3.74 -4.53 -4.32
N TYR A 21 3.32 -3.95 -3.21
CA TYR A 21 2.16 -3.07 -3.19
C TYR A 21 2.56 -1.61 -3.34
N VAL A 22 1.60 -0.77 -3.73
CA VAL A 22 1.85 0.65 -3.91
C VAL A 22 0.64 1.48 -3.52
N CYS A 23 0.86 2.50 -2.72
CA CYS A 23 -0.22 3.38 -2.27
C CYS A 23 -0.41 4.54 -3.24
N HIS A 24 -0.70 4.21 -4.49
CA HIS A 24 -0.91 5.23 -5.52
C HIS A 24 -2.07 6.15 -5.14
N TRP A 25 -1.90 7.44 -5.42
CA TRP A 25 -2.93 8.42 -5.10
C TRP A 25 -4.28 8.00 -5.66
N LYS A 26 -4.25 7.22 -6.73
CA LYS A 26 -5.47 6.76 -7.37
C LYS A 26 -6.45 6.21 -6.34
N TYR A 27 -5.96 5.33 -5.47
CA TYR A 27 -6.79 4.74 -4.43
C TYR A 27 -6.03 4.65 -3.11
N PRO A 28 -6.78 4.65 -1.99
CA PRO A 28 -6.20 4.56 -0.65
C PRO A 28 -5.61 3.19 -0.36
N TRP A 29 -6.39 2.15 -0.65
CA TRP A 29 -5.95 0.78 -0.41
C TRP A 29 -4.70 0.47 -1.22
N CYS A 30 -3.79 -0.31 -0.63
CA CYS A 30 -2.56 -0.69 -1.30
C CYS A 30 -2.82 -1.60 -2.50
N ARG A 31 -2.55 -1.09 -3.70
CA ARG A 31 -2.77 -1.85 -4.91
C ARG A 31 -1.48 -2.54 -5.37
N TYR A 32 -1.62 -3.72 -5.97
CA TYR A 32 -0.47 -4.48 -6.45
C TYR A 32 0.34 -3.66 -7.45
N ASP A 33 1.58 -4.09 -7.69
CA ASP A 33 2.46 -3.40 -8.62
C ASP A 33 2.67 -4.24 -9.87
N LEU A 34 3.29 -5.41 -9.70
CA LEU A 34 3.56 -6.30 -10.82
C LEU A 34 2.56 -7.45 -10.85
N GLY A 1 0.80 -7.45 10.04
CA GLY A 1 1.97 -7.69 10.84
C GLY A 1 2.99 -6.56 10.72
N ASP A 2 4.21 -6.91 10.34
CA ASP A 2 5.28 -5.93 10.18
C ASP A 2 4.83 -4.77 9.28
N CYS A 3 4.04 -5.10 8.27
CA CYS A 3 3.55 -4.09 7.33
C CYS A 3 2.03 -3.98 7.41
N LEU A 4 1.46 -3.15 6.54
CA LEU A 4 0.02 -2.95 6.52
C LEU A 4 -0.68 -4.07 5.73
N GLY A 5 -0.25 -4.26 4.49
CA GLY A 5 -0.84 -5.29 3.66
C GLY A 5 -1.72 -4.72 2.56
N TRP A 6 -1.76 -5.41 1.42
CA TRP A 6 -2.56 -4.97 0.29
C TRP A 6 -3.99 -4.67 0.72
N PHE A 7 -4.48 -5.44 1.69
CA PHE A 7 -5.84 -5.26 2.20
C PHE A 7 -5.95 -4.00 3.04
N SER A 8 -4.91 -3.73 3.83
CA SER A 8 -4.89 -2.55 4.68
C SER A 8 -4.71 -1.28 3.87
N GLY A 9 -5.45 -0.24 4.24
CA GLY A 9 -5.36 1.02 3.53
C GLY A 9 -4.15 1.83 3.93
N CYS A 10 -3.50 2.45 2.95
CA CYS A 10 -2.32 3.26 3.21
C CYS A 10 -2.30 4.50 2.32
N ASP A 11 -1.38 5.41 2.62
CA ASP A 11 -1.26 6.65 1.85
C ASP A 11 -0.02 6.63 0.97
N PRO A 12 0.00 7.47 -0.07
CA PRO A 12 1.12 7.57 -1.00
C PRO A 12 2.37 8.18 -0.36
N ASN A 13 2.15 9.10 0.58
CA ASN A 13 3.25 9.75 1.28
C ASN A 13 3.65 8.98 2.52
N ASN A 14 2.70 8.23 3.08
CA ASN A 14 2.95 7.44 4.28
C ASN A 14 2.92 5.95 3.96
N ASN A 15 3.56 5.57 2.87
CA ASN A 15 3.60 4.17 2.46
C ASN A 15 4.12 3.28 3.59
N LYS A 16 3.25 2.41 4.09
CA LYS A 16 3.62 1.50 5.17
C LYS A 16 3.22 0.07 4.84
N CYS A 17 3.33 -0.29 3.57
CA CYS A 17 2.98 -1.64 3.11
C CYS A 17 4.23 -2.48 2.89
N CYS A 18 4.03 -3.75 2.56
CA CYS A 18 5.14 -4.66 2.33
C CYS A 18 5.62 -4.57 0.88
N GLU A 19 6.83 -5.06 0.63
CA GLU A 19 7.41 -5.03 -0.70
C GLU A 19 6.45 -5.63 -1.72
N GLY A 20 6.25 -4.93 -2.83
CA GLY A 20 5.35 -5.40 -3.87
C GLY A 20 4.12 -4.53 -4.00
N TYR A 21 3.66 -3.98 -2.90
CA TYR A 21 2.48 -3.12 -2.90
C TYR A 21 2.86 -1.66 -3.08
N VAL A 22 1.88 -0.83 -3.42
CA VAL A 22 2.12 0.59 -3.63
C VAL A 22 0.86 1.40 -3.32
N CYS A 23 1.02 2.45 -2.51
CA CYS A 23 -0.10 3.31 -2.15
C CYS A 23 -0.26 4.45 -3.14
N HIS A 24 -0.44 4.10 -4.41
CA HIS A 24 -0.62 5.11 -5.46
C HIS A 24 -1.80 6.02 -5.15
N TRP A 25 -1.63 7.31 -5.43
CA TRP A 25 -2.67 8.29 -5.19
C TRP A 25 -3.99 7.84 -5.82
N LYS A 26 -3.90 7.04 -6.88
CA LYS A 26 -5.09 6.55 -7.56
C LYS A 26 -6.10 6.00 -6.58
N TYR A 27 -5.65 5.13 -5.68
CA TYR A 27 -6.52 4.54 -4.68
C TYR A 27 -5.83 4.45 -3.32
N PRO A 28 -6.62 4.47 -2.25
CA PRO A 28 -6.10 4.39 -0.88
C PRO A 28 -5.52 3.02 -0.55
N TRP A 29 -6.28 1.97 -0.87
CA TRP A 29 -5.84 0.60 -0.61
C TRP A 29 -4.54 0.30 -1.34
N CYS A 30 -3.68 -0.47 -0.71
CA CYS A 30 -2.39 -0.84 -1.30
C CYS A 30 -2.59 -1.75 -2.52
N ARG A 31 -2.26 -1.24 -3.70
CA ARG A 31 -2.40 -2.00 -4.93
C ARG A 31 -1.08 -2.67 -5.31
N TYR A 32 -1.17 -3.81 -5.97
CA TYR A 32 0.02 -4.56 -6.39
C TYR A 32 0.82 -3.75 -7.42
N ASP A 33 2.08 -4.13 -7.59
CA ASP A 33 2.95 -3.44 -8.55
C ASP A 33 2.64 -3.88 -9.97
N LEU A 34 1.45 -3.50 -10.45
CA LEU A 34 1.02 -3.84 -11.80
C LEU A 34 0.96 -2.61 -12.69
N GLY A 1 1.46 -6.69 12.95
CA GLY A 1 2.28 -7.35 11.97
C GLY A 1 3.48 -6.51 11.54
N ASP A 2 4.19 -6.97 10.52
CA ASP A 2 5.36 -6.25 10.02
C ASP A 2 4.94 -5.08 9.14
N CYS A 3 4.06 -5.35 8.18
CA CYS A 3 3.59 -4.32 7.27
C CYS A 3 2.06 -4.19 7.35
N LEU A 4 1.50 -3.33 6.51
CA LEU A 4 0.06 -3.11 6.48
C LEU A 4 -0.64 -4.21 5.70
N GLY A 5 -0.21 -4.42 4.45
CA GLY A 5 -0.81 -5.45 3.63
C GLY A 5 -1.71 -4.88 2.55
N TRP A 6 -1.78 -5.56 1.41
CA TRP A 6 -2.61 -5.11 0.30
C TRP A 6 -4.04 -4.83 0.76
N PHE A 7 -4.50 -5.61 1.74
CA PHE A 7 -5.84 -5.44 2.27
C PHE A 7 -5.95 -4.16 3.08
N SER A 8 -4.91 -3.85 3.84
CA SER A 8 -4.89 -2.65 4.67
C SER A 8 -4.80 -1.39 3.81
N GLY A 9 -5.20 -0.26 4.38
CA GLY A 9 -5.16 0.99 3.66
C GLY A 9 -3.95 1.84 4.01
N CYS A 10 -3.34 2.44 3.00
CA CYS A 10 -2.16 3.28 3.21
C CYS A 10 -2.20 4.51 2.30
N ASP A 11 -1.29 5.45 2.56
CA ASP A 11 -1.23 6.67 1.77
C ASP A 11 0.08 6.73 0.97
N PRO A 12 0.11 7.56 -0.08
CA PRO A 12 1.28 7.72 -0.94
C PRO A 12 2.42 8.44 -0.22
N ASN A 13 2.08 9.26 0.76
CA ASN A 13 3.07 10.01 1.53
C ASN A 13 3.55 9.20 2.72
N ASN A 14 2.69 8.31 3.21
CA ASN A 14 3.03 7.47 4.36
C ASN A 14 2.72 6.01 4.08
N ASN A 15 3.50 5.41 3.17
CA ASN A 15 3.31 4.02 2.81
C ASN A 15 3.91 3.09 3.86
N LYS A 16 3.08 2.22 4.41
CA LYS A 16 3.53 1.27 5.43
C LYS A 16 3.18 -0.17 5.04
N CYS A 17 3.27 -0.45 3.74
CA CYS A 17 2.97 -1.79 3.24
C CYS A 17 4.25 -2.57 2.98
N CYS A 18 4.10 -3.84 2.60
CA CYS A 18 5.24 -4.70 2.32
C CYS A 18 5.71 -4.52 0.88
N GLU A 19 6.94 -4.97 0.60
CA GLU A 19 7.50 -4.86 -0.73
C GLU A 19 6.54 -5.42 -1.78
N GLY A 20 6.41 -4.69 -2.90
CA GLY A 20 5.52 -5.13 -3.95
C GLY A 20 4.26 -4.28 -4.05
N TYR A 21 3.80 -3.79 -2.90
CA TYR A 21 2.60 -2.96 -2.86
C TYR A 21 2.96 -1.49 -2.98
N VAL A 22 2.00 -0.69 -3.45
CA VAL A 22 2.21 0.74 -3.62
C VAL A 22 0.94 1.52 -3.29
N CYS A 23 1.10 2.59 -2.53
CA CYS A 23 -0.04 3.43 -2.14
C CYS A 23 -0.28 4.53 -3.16
N HIS A 24 -0.54 4.13 -4.40
CA HIS A 24 -0.78 5.09 -5.47
C HIS A 24 -1.96 6.00 -5.14
N TRP A 25 -1.80 7.29 -5.41
CA TRP A 25 -2.86 8.26 -5.14
C TRP A 25 -4.19 7.80 -5.72
N LYS A 26 -4.12 7.01 -6.79
CA LYS A 26 -5.32 6.51 -7.45
C LYS A 26 -6.31 5.96 -6.42
N TYR A 27 -5.81 5.09 -5.55
CA TYR A 27 -6.66 4.49 -4.52
C TYR A 27 -5.91 4.39 -3.19
N PRO A 28 -6.68 4.40 -2.08
CA PRO A 28 -6.11 4.32 -0.73
C PRO A 28 -5.51 2.96 -0.43
N TRP A 29 -6.28 1.91 -0.72
CA TRP A 29 -5.82 0.54 -0.49
C TRP A 29 -4.53 0.25 -1.24
N CYS A 30 -3.66 -0.54 -0.63
CA CYS A 30 -2.38 -0.88 -1.23
C CYS A 30 -2.59 -1.70 -2.52
N ARG A 31 -2.26 -1.09 -3.65
CA ARG A 31 -2.41 -1.75 -4.94
C ARG A 31 -1.09 -2.41 -5.37
N TYR A 32 -1.20 -3.60 -5.96
CA TYR A 32 -0.03 -4.33 -6.41
C TYR A 32 0.84 -3.47 -7.31
N ASP A 33 2.11 -3.83 -7.44
CA ASP A 33 3.05 -3.09 -8.27
C ASP A 33 2.56 -3.02 -9.71
N LEU A 34 1.99 -4.12 -10.20
CA LEU A 34 1.48 -4.17 -11.56
C LEU A 34 -0.05 -4.17 -11.56
N GLY A 1 2.38 -8.81 11.57
CA GLY A 1 1.89 -7.73 10.74
C GLY A 1 2.88 -6.58 10.66
N ASP A 2 4.12 -6.88 10.34
CA ASP A 2 5.16 -5.87 10.23
C ASP A 2 4.72 -4.73 9.32
N CYS A 3 3.99 -5.09 8.26
CA CYS A 3 3.50 -4.09 7.31
C CYS A 3 1.98 -4.00 7.35
N LEU A 4 1.41 -3.20 6.46
CA LEU A 4 -0.03 -3.02 6.40
C LEU A 4 -0.69 -4.13 5.58
N GLY A 5 -0.22 -4.29 4.34
CA GLY A 5 -0.77 -5.32 3.47
C GLY A 5 -1.73 -4.76 2.44
N TRP A 6 -1.80 -5.42 1.29
CA TRP A 6 -2.69 -4.98 0.21
C TRP A 6 -4.10 -4.76 0.73
N PHE A 7 -4.51 -5.57 1.71
CA PHE A 7 -5.84 -5.47 2.28
C PHE A 7 -5.98 -4.19 3.11
N SER A 8 -4.92 -3.84 3.84
CA SER A 8 -4.93 -2.65 4.68
C SER A 8 -4.73 -1.39 3.83
N GLY A 9 -5.32 -0.29 4.27
CA GLY A 9 -5.19 0.96 3.55
C GLY A 9 -3.94 1.72 3.92
N CYS A 10 -3.31 2.35 2.93
CA CYS A 10 -2.10 3.12 3.14
C CYS A 10 -2.08 4.39 2.30
N ASP A 11 -1.14 5.27 2.58
CA ASP A 11 -1.01 6.52 1.85
C ASP A 11 0.26 6.53 0.98
N PRO A 12 0.25 7.36 -0.07
CA PRO A 12 1.39 7.49 -0.98
C PRO A 12 2.59 8.16 -0.33
N ASN A 13 2.32 9.07 0.60
CA ASN A 13 3.38 9.78 1.30
C ASN A 13 3.80 9.03 2.56
N ASN A 14 2.87 8.25 3.11
CA ASN A 14 3.15 7.49 4.32
C ASN A 14 2.92 6.00 4.08
N ASN A 15 3.40 5.50 2.95
CA ASN A 15 3.25 4.09 2.60
C ASN A 15 3.82 3.20 3.70
N LYS A 16 2.98 2.32 4.25
CA LYS A 16 3.40 1.41 5.30
C LYS A 16 3.06 -0.03 4.93
N CYS A 17 3.17 -0.36 3.65
CA CYS A 17 2.87 -1.70 3.17
C CYS A 17 4.15 -2.50 2.96
N CYS A 18 4.01 -3.77 2.60
CA CYS A 18 5.14 -4.64 2.38
C CYS A 18 5.65 -4.51 0.94
N GLU A 19 6.90 -4.91 0.71
CA GLU A 19 7.49 -4.82 -0.61
C GLU A 19 6.61 -5.48 -1.65
N GLY A 20 6.25 -4.73 -2.68
CA GLY A 20 5.40 -5.25 -3.74
C GLY A 20 4.13 -4.43 -3.93
N TYR A 21 3.63 -3.87 -2.84
CA TYR A 21 2.41 -3.05 -2.89
C TYR A 21 2.75 -1.58 -3.08
N VAL A 22 1.81 -0.83 -3.64
CA VAL A 22 2.01 0.60 -3.87
C VAL A 22 0.77 1.39 -3.49
N CYS A 23 0.97 2.44 -2.70
CA CYS A 23 -0.13 3.29 -2.27
C CYS A 23 -0.38 4.42 -3.26
N HIS A 24 -0.57 4.07 -4.52
CA HIS A 24 -0.81 5.05 -5.57
C HIS A 24 -1.96 5.99 -5.17
N TRP A 25 -1.77 7.28 -5.43
CA TRP A 25 -2.78 8.28 -5.11
C TRP A 25 -4.13 7.89 -5.69
N LYS A 26 -4.11 7.12 -6.76
CA LYS A 26 -5.34 6.68 -7.41
C LYS A 26 -6.33 6.13 -6.39
N TYR A 27 -5.85 5.25 -5.53
CA TYR A 27 -6.70 4.66 -4.50
C TYR A 27 -5.96 4.54 -3.18
N PRO A 28 -6.71 4.55 -2.06
CA PRO A 28 -6.15 4.46 -0.72
C PRO A 28 -5.57 3.08 -0.43
N TRP A 29 -6.34 2.04 -0.74
CA TRP A 29 -5.91 0.67 -0.50
C TRP A 29 -4.62 0.38 -1.26
N CYS A 30 -3.76 -0.44 -0.66
CA CYS A 30 -2.49 -0.81 -1.27
C CYS A 30 -2.71 -1.68 -2.50
N ARG A 31 -2.45 -1.11 -3.68
CA ARG A 31 -2.62 -1.84 -4.92
C ARG A 31 -1.31 -2.50 -5.36
N TYR A 32 -1.42 -3.67 -5.97
CA TYR A 32 -0.25 -4.41 -6.43
C TYR A 32 0.55 -3.59 -7.45
N ASP A 33 1.85 -3.82 -7.49
CA ASP A 33 2.73 -3.11 -8.42
C ASP A 33 2.71 -3.77 -9.79
N LEU A 34 1.52 -3.91 -10.37
CA LEU A 34 1.37 -4.53 -11.68
C LEU A 34 1.40 -3.48 -12.78
N GLY A 1 4.60 -10.70 8.76
CA GLY A 1 5.65 -9.72 8.90
C GLY A 1 5.23 -8.51 9.70
N ASP A 2 5.67 -7.32 9.27
CA ASP A 2 5.33 -6.09 9.95
C ASP A 2 4.91 -5.01 8.95
N CYS A 3 4.01 -5.37 8.04
CA CYS A 3 3.53 -4.44 7.03
C CYS A 3 2.02 -4.24 7.15
N LEU A 4 1.51 -3.20 6.49
CA LEU A 4 0.08 -2.90 6.52
C LEU A 4 -0.71 -3.95 5.75
N GLY A 5 -0.34 -4.16 4.49
CA GLY A 5 -1.02 -5.14 3.67
C GLY A 5 -1.89 -4.51 2.60
N TRP A 6 -1.96 -5.15 1.45
CA TRP A 6 -2.77 -4.64 0.33
C TRP A 6 -4.18 -4.30 0.79
N PHE A 7 -4.69 -5.07 1.74
CA PHE A 7 -6.04 -4.86 2.27
C PHE A 7 -6.09 -3.62 3.15
N SER A 8 -5.02 -3.41 3.91
CA SER A 8 -4.95 -2.25 4.81
C SER A 8 -4.79 -0.96 4.02
N GLY A 9 -5.56 0.05 4.40
CA GLY A 9 -5.49 1.33 3.72
C GLY A 9 -4.27 2.13 4.11
N CYS A 10 -3.62 2.75 3.12
CA CYS A 10 -2.42 3.55 3.36
C CYS A 10 -2.41 4.78 2.46
N ASP A 11 -1.48 5.69 2.74
CA ASP A 11 -1.35 6.92 1.96
C ASP A 11 -0.13 6.85 1.04
N PRO A 12 -0.15 7.67 -0.03
CA PRO A 12 0.95 7.72 -1.00
C PRO A 12 2.22 8.34 -0.42
N ASN A 13 2.04 9.27 0.51
CA ASN A 13 3.16 9.94 1.15
C ASN A 13 3.61 9.18 2.40
N ASN A 14 2.69 8.45 3.01
CA ASN A 14 2.99 7.69 4.21
C ASN A 14 2.91 6.19 3.92
N ASN A 15 3.55 5.76 2.84
CA ASN A 15 3.55 4.35 2.46
C ASN A 15 4.04 3.48 3.60
N LYS A 16 3.18 2.57 4.06
CA LYS A 16 3.52 1.67 5.16
C LYS A 16 3.10 0.24 4.83
N CYS A 17 3.20 -0.14 3.57
CA CYS A 17 2.83 -1.47 3.13
C CYS A 17 4.08 -2.32 2.86
N CYS A 18 3.86 -3.59 2.54
CA CYS A 18 4.96 -4.51 2.26
C CYS A 18 5.39 -4.40 0.80
N GLU A 19 6.59 -4.89 0.51
CA GLU A 19 7.13 -4.85 -0.84
C GLU A 19 6.13 -5.44 -1.84
N GLY A 20 5.93 -4.75 -2.96
CA GLY A 20 5.00 -5.22 -3.96
C GLY A 20 3.76 -4.35 -4.06
N TYR A 21 3.34 -3.80 -2.93
CA TYR A 21 2.16 -2.95 -2.89
C TYR A 21 2.53 -1.48 -3.02
N VAL A 22 1.58 -0.66 -3.46
CA VAL A 22 1.82 0.76 -3.62
C VAL A 22 0.57 1.57 -3.29
N CYS A 23 0.73 2.59 -2.44
CA CYS A 23 -0.38 3.43 -2.03
C CYS A 23 -0.54 4.61 -2.98
N HIS A 24 -0.65 4.31 -4.28
CA HIS A 24 -0.81 5.35 -5.28
C HIS A 24 -2.04 6.20 -5.00
N TRP A 25 -1.96 7.49 -5.32
CA TRP A 25 -3.06 8.41 -5.09
C TRP A 25 -4.34 7.89 -5.76
N LYS A 26 -4.17 7.09 -6.80
CA LYS A 26 -5.31 6.55 -7.54
C LYS A 26 -6.33 5.97 -6.57
N TYR A 27 -5.86 5.18 -5.61
CA TYR A 27 -6.74 4.56 -4.62
C TYR A 27 -6.12 4.61 -3.23
N PRO A 28 -6.98 4.62 -2.19
CA PRO A 28 -6.53 4.66 -0.80
C PRO A 28 -5.88 3.34 -0.37
N TRP A 29 -6.52 2.24 -0.71
CA TRP A 29 -6.01 0.92 -0.35
C TRP A 29 -4.74 0.60 -1.15
N CYS A 30 -3.85 -0.19 -0.53
CA CYS A 30 -2.60 -0.56 -1.17
C CYS A 30 -2.85 -1.51 -2.34
N ARG A 31 -2.56 -1.05 -3.55
CA ARG A 31 -2.75 -1.85 -4.75
C ARG A 31 -1.44 -2.49 -5.19
N TYR A 32 -1.54 -3.67 -5.80
CA TYR A 32 -0.37 -4.38 -6.27
C TYR A 32 0.41 -3.57 -7.28
N ASP A 33 1.68 -3.91 -7.47
CA ASP A 33 2.53 -3.20 -8.42
C ASP A 33 2.08 -3.45 -9.86
N LEU A 34 1.75 -4.70 -10.15
CA LEU A 34 1.30 -5.08 -11.49
C LEU A 34 -0.06 -5.75 -11.44
N GLY A 1 5.64 -10.93 7.77
CA GLY A 1 6.23 -9.61 7.91
C GLY A 1 5.28 -8.62 8.57
N ASP A 2 5.84 -7.55 9.12
CA ASP A 2 5.04 -6.52 9.78
C ASP A 2 4.70 -5.39 8.84
N CYS A 3 3.74 -5.62 7.95
CA CYS A 3 3.32 -4.62 6.99
C CYS A 3 1.80 -4.45 7.00
N LEU A 4 1.33 -3.38 6.36
CA LEU A 4 -0.11 -3.11 6.29
C LEU A 4 -0.83 -4.16 5.46
N GLY A 5 -0.37 -4.34 4.22
CA GLY A 5 -0.98 -5.32 3.35
C GLY A 5 -1.81 -4.68 2.25
N TRP A 6 -1.85 -5.33 1.08
CA TRP A 6 -2.62 -4.81 -0.05
C TRP A 6 -4.05 -4.49 0.36
N PHE A 7 -4.58 -5.27 1.29
CA PHE A 7 -5.94 -5.07 1.77
C PHE A 7 -6.03 -3.84 2.67
N SER A 8 -5.00 -3.64 3.48
CA SER A 8 -4.96 -2.51 4.40
C SER A 8 -4.80 -1.19 3.63
N GLY A 9 -5.49 -0.16 4.11
CA GLY A 9 -5.42 1.14 3.45
C GLY A 9 -4.19 1.93 3.87
N CYS A 10 -3.54 2.56 2.91
CA CYS A 10 -2.34 3.35 3.17
C CYS A 10 -2.31 4.60 2.30
N ASP A 11 -1.41 5.53 2.64
CA ASP A 11 -1.29 6.77 1.89
C ASP A 11 -0.01 6.78 1.06
N PRO A 12 0.04 7.63 0.03
CA PRO A 12 1.19 7.76 -0.86
C PRO A 12 2.40 8.38 -0.16
N ASN A 13 2.13 9.27 0.80
CA ASN A 13 3.18 9.93 1.55
C ASN A 13 3.57 9.14 2.78
N ASN A 14 2.63 8.35 3.30
CA ASN A 14 2.86 7.54 4.48
C ASN A 14 2.67 6.05 4.17
N ASN A 15 3.21 5.62 3.04
CA ASN A 15 3.10 4.22 2.62
C ASN A 15 3.75 3.29 3.65
N LYS A 16 2.94 2.47 4.29
CA LYS A 16 3.44 1.53 5.29
C LYS A 16 3.08 0.09 4.91
N CYS A 17 3.18 -0.22 3.63
CA CYS A 17 2.87 -1.55 3.14
C CYS A 17 4.14 -2.35 2.90
N CYS A 18 3.98 -3.62 2.54
CA CYS A 18 5.12 -4.49 2.29
C CYS A 18 5.61 -4.35 0.85
N GLU A 19 6.84 -4.79 0.60
CA GLU A 19 7.43 -4.70 -0.73
C GLU A 19 6.50 -5.30 -1.78
N GLY A 20 6.28 -4.56 -2.86
CA GLY A 20 5.41 -5.03 -3.92
C GLY A 20 4.17 -4.18 -4.07
N TYR A 21 3.68 -3.65 -2.95
CA TYR A 21 2.48 -2.82 -2.96
C TYR A 21 2.84 -1.34 -3.10
N VAL A 22 1.87 -0.55 -3.52
CA VAL A 22 2.08 0.89 -3.71
C VAL A 22 0.82 1.68 -3.38
N CYS A 23 0.97 2.70 -2.55
CA CYS A 23 -0.15 3.54 -2.16
C CYS A 23 -0.34 4.70 -3.13
N HIS A 24 -0.52 4.38 -4.40
CA HIS A 24 -0.71 5.39 -5.43
C HIS A 24 -1.90 6.28 -5.11
N TRP A 25 -1.74 7.58 -5.33
CA TRP A 25 -2.80 8.55 -5.06
C TRP A 25 -4.12 8.11 -5.71
N LYS A 26 -4.01 7.35 -6.79
CA LYS A 26 -5.19 6.87 -7.50
C LYS A 26 -6.21 6.28 -6.53
N TYR A 27 -5.75 5.37 -5.67
CA TYR A 27 -6.62 4.74 -4.69
C TYR A 27 -5.94 4.65 -3.32
N PRO A 28 -6.75 4.64 -2.26
CA PRO A 28 -6.25 4.56 -0.89
C PRO A 28 -5.64 3.19 -0.57
N TRP A 29 -6.37 2.14 -0.91
CA TRP A 29 -5.91 0.77 -0.66
C TRP A 29 -4.62 0.49 -1.42
N CYS A 30 -3.72 -0.27 -0.80
CA CYS A 30 -2.45 -0.62 -1.41
C CYS A 30 -2.65 -1.47 -2.66
N ARG A 31 -2.34 -0.90 -3.82
CA ARG A 31 -2.49 -1.60 -5.09
C ARG A 31 -1.21 -2.34 -5.45
N TYR A 32 -1.36 -3.49 -6.11
CA TYR A 32 -0.22 -4.29 -6.52
C TYR A 32 0.67 -3.52 -7.49
N ASP A 33 1.96 -3.86 -7.50
CA ASP A 33 2.92 -3.20 -8.38
C ASP A 33 3.68 -4.23 -9.21
N LEU A 34 2.94 -5.13 -9.85
CA LEU A 34 3.54 -6.17 -10.69
C LEU A 34 3.61 -5.72 -12.14
N GLY A 1 6.52 -8.77 6.76
CA GLY A 1 6.23 -9.04 8.15
C GLY A 1 5.48 -7.91 8.83
N ASP A 2 6.20 -6.90 9.27
CA ASP A 2 5.59 -5.75 9.93
C ASP A 2 5.10 -4.73 8.91
N CYS A 3 4.15 -5.15 8.08
CA CYS A 3 3.59 -4.26 7.06
C CYS A 3 2.07 -4.18 7.19
N LEU A 4 1.46 -3.34 6.36
CA LEU A 4 0.01 -3.16 6.38
C LEU A 4 -0.68 -4.22 5.53
N GLY A 5 -0.28 -4.31 4.27
CA GLY A 5 -0.87 -5.30 3.38
C GLY A 5 -1.83 -4.67 2.39
N TRP A 6 -1.96 -5.30 1.22
CA TRP A 6 -2.85 -4.80 0.18
C TRP A 6 -4.25 -4.54 0.75
N PHE A 7 -4.66 -5.35 1.71
CA PHE A 7 -5.97 -5.21 2.33
C PHE A 7 -6.07 -3.88 3.08
N SER A 8 -5.02 -3.54 3.81
CA SER A 8 -5.00 -2.30 4.58
C SER A 8 -4.74 -1.11 3.67
N GLY A 9 -5.35 0.04 4.01
CA GLY A 9 -5.17 1.23 3.22
C GLY A 9 -4.15 2.18 3.82
N CYS A 10 -3.32 2.78 2.96
CA CYS A 10 -2.30 3.72 3.42
C CYS A 10 -2.15 4.86 2.43
N ASP A 11 -1.40 5.89 2.85
CA ASP A 11 -1.16 7.06 2.00
C ASP A 11 0.00 6.81 1.05
N PRO A 12 0.05 7.61 -0.03
CA PRO A 12 1.11 7.51 -1.04
C PRO A 12 2.47 7.96 -0.51
N ASN A 13 2.45 8.93 0.40
CA ASN A 13 3.67 9.45 0.99
C ASN A 13 4.06 8.66 2.24
N ASN A 14 3.06 8.08 2.90
CA ASN A 14 3.29 7.30 4.11
C ASN A 14 3.09 5.82 3.84
N ASN A 15 3.65 5.35 2.73
CA ASN A 15 3.54 3.94 2.36
C ASN A 15 3.96 3.03 3.52
N LYS A 16 3.02 2.27 4.05
CA LYS A 16 3.29 1.35 5.15
C LYS A 16 2.86 -0.06 4.81
N CYS A 17 3.03 -0.44 3.54
CA CYS A 17 2.66 -1.77 3.08
C CYS A 17 3.91 -2.62 2.82
N CYS A 18 3.69 -3.88 2.48
CA CYS A 18 4.79 -4.80 2.21
C CYS A 18 5.25 -4.67 0.76
N GLU A 19 6.46 -5.17 0.48
CA GLU A 19 7.01 -5.12 -0.87
C GLU A 19 6.02 -5.70 -1.88
N GLY A 20 5.79 -4.96 -2.96
CA GLY A 20 4.87 -5.42 -3.99
C GLY A 20 3.64 -4.55 -4.08
N TYR A 21 3.20 -4.02 -2.94
CA TYR A 21 2.01 -3.17 -2.91
C TYR A 21 2.39 -1.70 -2.99
N VAL A 22 1.44 -0.87 -3.41
CA VAL A 22 1.68 0.56 -3.54
C VAL A 22 0.38 1.34 -3.35
N CYS A 23 0.41 2.32 -2.45
CA CYS A 23 -0.76 3.15 -2.18
C CYS A 23 -0.79 4.37 -3.09
N HIS A 24 -0.83 4.11 -4.41
CA HIS A 24 -0.86 5.18 -5.38
C HIS A 24 -1.98 6.18 -5.07
N TRP A 25 -1.74 7.45 -5.38
CA TRP A 25 -2.72 8.49 -5.13
C TRP A 25 -4.08 8.12 -5.71
N LYS A 26 -4.06 7.29 -6.75
CA LYS A 26 -5.29 6.85 -7.40
C LYS A 26 -6.32 6.39 -6.37
N TYR A 27 -5.88 5.50 -5.47
CA TYR A 27 -6.76 4.97 -4.43
C TYR A 27 -6.02 4.86 -3.10
N PRO A 28 -6.78 4.94 -2.00
CA PRO A 28 -6.21 4.84 -0.65
C PRO A 28 -5.71 3.44 -0.32
N TRP A 29 -6.46 2.43 -0.77
CA TRP A 29 -6.08 1.04 -0.52
C TRP A 29 -4.82 0.67 -1.31
N CYS A 30 -3.96 -0.14 -0.69
CA CYS A 30 -2.73 -0.56 -1.33
C CYS A 30 -3.02 -1.44 -2.56
N ARG A 31 -2.61 -0.95 -3.72
CA ARG A 31 -2.82 -1.68 -4.97
C ARG A 31 -1.56 -2.43 -5.38
N TYR A 32 -1.74 -3.51 -6.14
CA TYR A 32 -0.62 -4.32 -6.59
C TYR A 32 0.26 -3.52 -7.56
N ASP A 33 1.56 -3.58 -7.33
CA ASP A 33 2.52 -2.87 -8.18
C ASP A 33 2.29 -3.20 -9.65
N LEU A 34 1.94 -4.45 -9.93
CA LEU A 34 1.69 -4.89 -11.30
C LEU A 34 0.19 -4.84 -11.62
N GLY A 1 8.75 -7.59 7.71
CA GLY A 1 8.38 -8.22 8.96
C GLY A 1 6.97 -7.83 9.40
N ASP A 2 6.72 -6.53 9.48
CA ASP A 2 5.41 -6.04 9.89
C ASP A 2 4.91 -4.97 8.93
N CYS A 3 4.12 -5.41 7.94
CA CYS A 3 3.57 -4.49 6.95
C CYS A 3 2.06 -4.37 7.10
N LEU A 4 1.46 -3.50 6.28
CA LEU A 4 0.01 -3.29 6.32
C LEU A 4 -0.71 -4.34 5.47
N GLY A 5 -0.32 -4.43 4.21
CA GLY A 5 -0.95 -5.39 3.30
C GLY A 5 -1.91 -4.73 2.34
N TRP A 6 -2.09 -5.34 1.17
CA TRP A 6 -2.99 -4.81 0.16
C TRP A 6 -4.37 -4.53 0.76
N PHE A 7 -4.77 -5.35 1.72
CA PHE A 7 -6.06 -5.19 2.38
C PHE A 7 -6.12 -3.89 3.16
N SER A 8 -5.04 -3.57 3.88
CA SER A 8 -4.97 -2.35 4.67
C SER A 8 -4.69 -1.14 3.78
N GLY A 9 -5.41 -0.05 4.03
CA GLY A 9 -5.23 1.15 3.24
C GLY A 9 -4.19 2.08 3.84
N CYS A 10 -3.36 2.67 2.99
CA CYS A 10 -2.32 3.59 3.44
C CYS A 10 -2.16 4.74 2.47
N ASP A 11 -1.39 5.75 2.88
CA ASP A 11 -1.15 6.92 2.04
C ASP A 11 -0.01 6.66 1.06
N PRO A 12 0.03 7.46 -0.01
CA PRO A 12 1.06 7.34 -1.05
C PRO A 12 2.45 7.75 -0.56
N ASN A 13 2.47 8.70 0.37
CA ASN A 13 3.73 9.18 0.94
C ASN A 13 4.13 8.37 2.16
N ASN A 14 3.14 7.80 2.84
CA ASN A 14 3.39 6.99 4.02
C ASN A 14 3.16 5.51 3.73
N ASN A 15 3.68 5.06 2.60
CA ASN A 15 3.54 3.66 2.20
C ASN A 15 4.01 2.73 3.32
N LYS A 16 3.06 2.04 3.93
CA LYS A 16 3.36 1.10 5.02
C LYS A 16 2.89 -0.30 4.68
N CYS A 17 3.00 -0.66 3.40
CA CYS A 17 2.58 -1.99 2.95
C CYS A 17 3.79 -2.86 2.65
N CYS A 18 3.54 -4.12 2.30
CA CYS A 18 4.61 -5.06 1.99
C CYS A 18 5.03 -4.94 0.53
N GLU A 19 6.20 -5.46 0.22
CA GLU A 19 6.73 -5.42 -1.15
C GLU A 19 5.70 -5.96 -2.14
N GLY A 20 5.50 -5.23 -3.23
CA GLY A 20 4.55 -5.66 -4.24
C GLY A 20 3.33 -4.75 -4.29
N TYR A 21 2.93 -4.22 -3.14
CA TYR A 21 1.77 -3.35 -3.06
C TYR A 21 2.19 -1.89 -3.12
N VAL A 22 1.25 -1.02 -3.49
CA VAL A 22 1.51 0.41 -3.59
C VAL A 22 0.24 1.22 -3.37
N CYS A 23 0.31 2.19 -2.46
CA CYS A 23 -0.83 3.04 -2.16
C CYS A 23 -0.86 4.27 -3.07
N HIS A 24 -0.88 4.03 -4.38
CA HIS A 24 -0.90 5.11 -5.35
C HIS A 24 -2.01 6.11 -5.03
N TRP A 25 -1.77 7.37 -5.33
CA TRP A 25 -2.75 8.42 -5.08
C TRP A 25 -4.11 8.06 -5.66
N LYS A 26 -4.09 7.24 -6.71
CA LYS A 26 -5.32 6.80 -7.36
C LYS A 26 -6.34 6.34 -6.32
N TYR A 27 -5.91 5.44 -5.44
CA TYR A 27 -6.79 4.91 -4.40
C TYR A 27 -6.05 4.77 -3.07
N PRO A 28 -6.80 4.84 -1.97
CA PRO A 28 -6.25 4.74 -0.62
C PRO A 28 -5.74 3.33 -0.31
N TRP A 29 -6.51 2.33 -0.74
CA TRP A 29 -6.14 0.93 -0.51
C TRP A 29 -4.88 0.57 -1.28
N CYS A 30 -4.03 -0.25 -0.68
CA CYS A 30 -2.80 -0.68 -1.31
C CYS A 30 -3.08 -1.63 -2.48
N ARG A 31 -2.81 -1.16 -3.69
CA ARG A 31 -3.03 -1.95 -4.90
C ARG A 31 -1.74 -2.59 -5.38
N TYR A 32 -1.85 -3.77 -5.97
CA TYR A 32 -0.68 -4.49 -6.48
C TYR A 32 -0.12 -3.81 -7.72
N ASP A 33 1.17 -3.46 -7.66
CA ASP A 33 1.83 -2.80 -8.77
C ASP A 33 2.11 -3.79 -9.91
N LEU A 34 2.76 -4.91 -9.57
CA LEU A 34 3.09 -5.93 -10.56
C LEU A 34 2.13 -7.10 -10.45
N GLY A 1 5.04 -9.96 7.38
CA GLY A 1 5.90 -9.27 8.32
C GLY A 1 5.20 -8.14 9.04
N ASP A 2 5.94 -7.09 9.37
CA ASP A 2 5.39 -5.94 10.07
C ASP A 2 4.96 -4.86 9.07
N CYS A 3 3.85 -5.11 8.38
CA CYS A 3 3.35 -4.15 7.39
C CYS A 3 1.82 -4.09 7.44
N LEU A 4 1.25 -3.23 6.60
CA LEU A 4 -0.20 -3.07 6.55
C LEU A 4 -0.84 -4.17 5.69
N GLY A 5 -0.37 -4.30 4.46
CA GLY A 5 -0.89 -5.30 3.56
C GLY A 5 -1.83 -4.73 2.51
N TRP A 6 -1.88 -5.36 1.36
CA TRP A 6 -2.73 -4.90 0.27
C TRP A 6 -4.16 -4.68 0.75
N PHE A 7 -4.59 -5.50 1.71
CA PHE A 7 -5.94 -5.39 2.26
C PHE A 7 -6.12 -4.06 2.98
N SER A 8 -5.11 -3.67 3.75
CA SER A 8 -5.17 -2.42 4.51
C SER A 8 -4.99 -1.22 3.59
N GLY A 9 -5.32 -0.04 4.08
CA GLY A 9 -5.19 1.17 3.29
C GLY A 9 -4.20 2.16 3.89
N CYS A 10 -3.39 2.77 3.04
CA CYS A 10 -2.39 3.73 3.49
C CYS A 10 -2.26 4.88 2.49
N ASP A 11 -1.54 5.92 2.89
CA ASP A 11 -1.34 7.09 2.03
C ASP A 11 -0.14 6.88 1.12
N PRO A 12 -0.09 7.65 0.03
CA PRO A 12 1.01 7.58 -0.95
C PRO A 12 2.32 8.09 -0.38
N ASN A 13 2.24 9.07 0.51
CA ASN A 13 3.42 9.66 1.12
C ASN A 13 3.81 8.90 2.39
N ASN A 14 2.83 8.29 3.03
CA ASN A 14 3.05 7.52 4.25
C ASN A 14 2.91 6.03 4.00
N ASN A 15 3.49 5.56 2.90
CA ASN A 15 3.43 4.15 2.54
C ASN A 15 3.91 3.28 3.70
N LYS A 16 3.02 2.41 4.19
CA LYS A 16 3.36 1.52 5.29
C LYS A 16 2.96 0.08 4.96
N CYS A 17 3.09 -0.29 3.70
CA CYS A 17 2.75 -1.64 3.26
C CYS A 17 4.00 -2.47 3.01
N CYS A 18 3.81 -3.75 2.69
CA CYS A 18 4.92 -4.65 2.44
C CYS A 18 5.38 -4.54 0.98
N GLU A 19 6.58 -5.04 0.71
CA GLU A 19 7.13 -5.01 -0.64
C GLU A 19 6.15 -5.59 -1.64
N GLY A 20 5.97 -4.88 -2.76
CA GLY A 20 5.05 -5.34 -3.79
C GLY A 20 3.80 -4.50 -3.87
N TYR A 21 3.36 -3.99 -2.73
CA TYR A 21 2.16 -3.15 -2.67
C TYR A 21 2.52 -1.68 -2.79
N VAL A 22 1.54 -0.88 -3.22
CA VAL A 22 1.76 0.56 -3.37
C VAL A 22 0.44 1.32 -3.21
N CYS A 23 0.45 2.30 -2.33
CA CYS A 23 -0.73 3.12 -2.08
C CYS A 23 -0.79 4.32 -3.03
N HIS A 24 -0.79 4.05 -4.32
CA HIS A 24 -0.84 5.10 -5.32
C HIS A 24 -1.98 6.07 -5.04
N TRP A 25 -1.77 7.34 -5.36
CA TRP A 25 -2.77 8.37 -5.14
C TRP A 25 -4.11 7.95 -5.74
N LYS A 26 -4.06 7.12 -6.76
CA LYS A 26 -5.28 6.64 -7.42
C LYS A 26 -6.30 6.17 -6.40
N TYR A 27 -5.86 5.30 -5.49
CA TYR A 27 -6.74 4.78 -4.45
C TYR A 27 -6.02 4.69 -3.11
N PRO A 28 -6.80 4.78 -2.01
CA PRO A 28 -6.26 4.72 -0.66
C PRO A 28 -5.73 3.33 -0.30
N TRP A 29 -6.46 2.30 -0.73
CA TRP A 29 -6.06 0.93 -0.46
C TRP A 29 -4.78 0.56 -1.22
N CYS A 30 -3.93 -0.21 -0.57
CA CYS A 30 -2.67 -0.64 -1.19
C CYS A 30 -2.92 -1.52 -2.40
N ARG A 31 -2.47 -1.06 -3.57
CA ARG A 31 -2.67 -1.81 -4.80
C ARG A 31 -1.40 -2.58 -5.17
N TYR A 32 -1.56 -3.70 -5.87
CA TYR A 32 -0.43 -4.52 -6.27
C TYR A 32 0.36 -3.85 -7.39
N ASP A 33 1.66 -4.11 -7.43
CA ASP A 33 2.54 -3.54 -8.44
C ASP A 33 3.20 -4.63 -9.28
N LEU A 34 2.47 -5.11 -10.30
CA LEU A 34 2.99 -6.16 -11.17
C LEU A 34 3.60 -5.56 -12.43
N GLY A 1 5.20 -10.49 9.24
CA GLY A 1 5.03 -9.39 8.30
C GLY A 1 4.60 -8.11 8.98
N ASP A 2 5.56 -7.26 9.33
CA ASP A 2 5.27 -6.00 10.00
C ASP A 2 4.87 -4.93 8.97
N CYS A 3 3.82 -5.20 8.22
CA CYS A 3 3.35 -4.26 7.21
C CYS A 3 1.82 -4.15 7.23
N LEU A 4 1.29 -3.19 6.49
CA LEU A 4 -0.15 -2.99 6.42
C LEU A 4 -0.82 -4.07 5.58
N GLY A 5 -0.35 -4.23 4.35
CA GLY A 5 -0.91 -5.24 3.47
C GLY A 5 -1.85 -4.64 2.43
N TRP A 6 -1.91 -5.28 1.26
CA TRP A 6 -2.77 -4.81 0.19
C TRP A 6 -4.20 -4.58 0.69
N PHE A 7 -4.62 -5.39 1.65
CA PHE A 7 -5.96 -5.28 2.21
C PHE A 7 -6.10 -4.01 3.06
N SER A 8 -5.05 -3.71 3.82
CA SER A 8 -5.04 -2.53 4.68
C SER A 8 -4.87 -1.26 3.85
N GLY A 9 -5.49 -0.18 4.30
CA GLY A 9 -5.40 1.09 3.60
C GLY A 9 -4.15 1.87 3.98
N CYS A 10 -3.49 2.46 2.98
CA CYS A 10 -2.28 3.23 3.22
C CYS A 10 -2.27 4.49 2.35
N ASP A 11 -1.33 5.38 2.63
CA ASP A 11 -1.20 6.62 1.87
C ASP A 11 0.06 6.61 1.02
N PRO A 12 0.09 7.47 -0.02
CA PRO A 12 1.23 7.57 -0.93
C PRO A 12 2.45 8.19 -0.27
N ASN A 13 2.20 9.07 0.69
CA ASN A 13 3.29 9.74 1.41
C ASN A 13 3.71 8.94 2.64
N ASN A 14 2.77 8.16 3.18
CA ASN A 14 3.04 7.34 4.35
C ASN A 14 3.09 5.87 3.98
N ASN A 15 3.86 5.55 2.95
CA ASN A 15 4.00 4.17 2.50
C ASN A 15 4.38 3.25 3.65
N LYS A 16 3.40 2.49 4.14
CA LYS A 16 3.63 1.57 5.24
C LYS A 16 3.14 0.16 4.89
N CYS A 17 3.27 -0.20 3.61
CA CYS A 17 2.85 -1.51 3.15
C CYS A 17 4.05 -2.42 2.90
N CYS A 18 3.78 -3.67 2.55
CA CYS A 18 4.83 -4.64 2.28
C CYS A 18 5.34 -4.52 0.84
N GLU A 19 6.56 -4.98 0.60
CA GLU A 19 7.14 -4.93 -0.72
C GLU A 19 6.20 -5.54 -1.76
N GLY A 20 6.02 -4.83 -2.88
CA GLY A 20 5.15 -5.33 -3.93
C GLY A 20 3.90 -4.48 -4.08
N TYR A 21 3.44 -3.90 -2.98
CA TYR A 21 2.25 -3.06 -3.00
C TYR A 21 2.61 -1.59 -3.22
N VAL A 22 1.62 -0.79 -3.55
CA VAL A 22 1.83 0.63 -3.78
C VAL A 22 0.59 1.45 -3.41
N CYS A 23 0.80 2.49 -2.61
CA CYS A 23 -0.29 3.34 -2.16
C CYS A 23 -0.50 4.50 -3.14
N HIS A 24 -0.64 4.16 -4.42
CA HIS A 24 -0.85 5.17 -5.46
C HIS A 24 -2.01 6.09 -5.09
N TRP A 25 -1.84 7.38 -5.34
CA TRP A 25 -2.87 8.37 -5.04
C TRP A 25 -4.21 7.95 -5.64
N LYS A 26 -4.15 7.18 -6.72
CA LYS A 26 -5.36 6.72 -7.40
C LYS A 26 -6.36 6.16 -6.38
N TYR A 27 -5.90 5.29 -5.52
CA TYR A 27 -6.76 4.68 -4.50
C TYR A 27 -6.03 4.58 -3.16
N PRO A 28 -6.80 4.58 -2.06
CA PRO A 28 -6.25 4.48 -0.71
C PRO A 28 -5.66 3.11 -0.42
N TRP A 29 -6.43 2.06 -0.73
CA TRP A 29 -5.98 0.70 -0.50
C TRP A 29 -4.68 0.42 -1.24
N CYS A 30 -3.82 -0.42 -0.65
CA CYS A 30 -2.54 -0.76 -1.26
C CYS A 30 -2.74 -1.72 -2.42
N ARG A 31 -2.52 -1.23 -3.63
CA ARG A 31 -2.66 -2.05 -4.84
C ARG A 31 -1.33 -2.67 -5.24
N TYR A 32 -1.39 -3.89 -5.74
CA TYR A 32 -0.19 -4.60 -6.17
C TYR A 32 0.60 -3.79 -7.19
N ASP A 33 1.83 -4.20 -7.45
CA ASP A 33 2.69 -3.51 -8.40
C ASP A 33 2.35 -3.92 -9.83
N LEU A 34 2.03 -5.20 -10.02
CA LEU A 34 1.69 -5.72 -11.33
C LEU A 34 0.19 -5.60 -11.59
N GLY A 1 7.49 -9.85 8.48
CA GLY A 1 7.08 -8.52 8.07
C GLY A 1 5.69 -8.17 8.57
N ASP A 2 5.60 -7.08 9.31
CA ASP A 2 4.33 -6.63 9.87
C ASP A 2 3.78 -5.46 9.06
N CYS A 3 3.94 -5.52 7.74
CA CYS A 3 3.47 -4.46 6.86
C CYS A 3 1.95 -4.28 7.00
N LEU A 4 1.39 -3.41 6.17
CA LEU A 4 -0.04 -3.14 6.21
C LEU A 4 -0.81 -4.19 5.41
N GLY A 5 -0.44 -4.36 4.15
CA GLY A 5 -1.11 -5.33 3.30
C GLY A 5 -2.05 -4.69 2.30
N TRP A 6 -2.23 -5.34 1.16
CA TRP A 6 -3.11 -4.82 0.13
C TRP A 6 -4.49 -4.50 0.69
N PHE A 7 -4.91 -5.29 1.68
CA PHE A 7 -6.21 -5.09 2.31
C PHE A 7 -6.21 -3.84 3.18
N SER A 8 -5.08 -3.60 3.85
CA SER A 8 -4.95 -2.44 4.72
C SER A 8 -4.74 -1.17 3.91
N GLY A 9 -5.36 -0.08 4.35
CA GLY A 9 -5.23 1.19 3.66
C GLY A 9 -3.93 1.90 4.00
N CYS A 10 -3.30 2.50 2.99
CA CYS A 10 -2.05 3.22 3.20
C CYS A 10 -2.00 4.48 2.34
N ASP A 11 -1.01 5.34 2.59
CA ASP A 11 -0.84 6.57 1.84
C ASP A 11 0.39 6.51 0.96
N PRO A 12 0.44 7.39 -0.06
CA PRO A 12 1.57 7.46 -0.99
C PRO A 12 2.82 8.02 -0.33
N ASN A 13 2.65 8.91 0.63
CA ASN A 13 3.77 9.51 1.33
C ASN A 13 4.15 8.69 2.56
N ASN A 14 3.16 8.00 3.13
CA ASN A 14 3.39 7.17 4.31
C ASN A 14 3.16 5.70 4.00
N ASN A 15 3.67 5.25 2.86
CA ASN A 15 3.52 3.86 2.44
C ASN A 15 4.07 2.91 3.50
N LYS A 16 3.21 2.02 3.99
CA LYS A 16 3.62 1.05 5.00
C LYS A 16 3.17 -0.36 4.61
N CYS A 17 3.22 -0.64 3.32
CA CYS A 17 2.82 -1.96 2.82
C CYS A 17 4.05 -2.82 2.52
N CYS A 18 3.80 -4.07 2.15
CA CYS A 18 4.88 -5.00 1.84
C CYS A 18 5.32 -4.85 0.39
N GLU A 19 6.52 -5.36 0.08
CA GLU A 19 7.05 -5.28 -1.27
C GLU A 19 6.04 -5.80 -2.29
N GLY A 20 5.81 -5.02 -3.34
CA GLY A 20 4.87 -5.42 -4.38
C GLY A 20 3.66 -4.50 -4.44
N TYR A 21 3.25 -3.98 -3.29
CA TYR A 21 2.10 -3.09 -3.21
C TYR A 21 2.53 -1.64 -3.35
N VAL A 22 1.59 -0.78 -3.74
CA VAL A 22 1.87 0.65 -3.91
C VAL A 22 0.67 1.49 -3.49
N CYS A 23 0.92 2.51 -2.69
CA CYS A 23 -0.14 3.40 -2.22
C CYS A 23 -0.33 4.57 -3.19
N HIS A 24 -0.59 4.24 -4.46
CA HIS A 24 -0.79 5.26 -5.48
C HIS A 24 -1.90 6.23 -5.06
N TRP A 25 -1.68 7.52 -5.30
CA TRP A 25 -2.65 8.54 -4.95
C TRP A 25 -4.03 8.20 -5.52
N LYS A 26 -4.04 7.45 -6.61
CA LYS A 26 -5.29 7.05 -7.25
C LYS A 26 -6.28 6.52 -6.22
N TYR A 27 -5.82 5.59 -5.38
CA TYR A 27 -6.67 5.02 -4.35
C TYR A 27 -5.91 4.84 -3.04
N PRO A 28 -6.64 4.86 -1.92
CA PRO A 28 -6.06 4.70 -0.59
C PRO A 28 -5.53 3.29 -0.35
N TRP A 29 -6.36 2.30 -0.66
CA TRP A 29 -5.98 0.90 -0.46
C TRP A 29 -4.72 0.57 -1.27
N CYS A 30 -3.87 -0.29 -0.70
CA CYS A 30 -2.64 -0.68 -1.36
C CYS A 30 -2.93 -1.53 -2.61
N ARG A 31 -2.63 -0.96 -3.78
CA ARG A 31 -2.86 -1.66 -5.03
C ARG A 31 -1.61 -2.40 -5.49
N TYR A 32 -1.80 -3.56 -6.11
CA TYR A 32 -0.68 -4.37 -6.59
C TYR A 32 0.17 -3.58 -7.59
N ASP A 33 1.41 -4.02 -7.76
CA ASP A 33 2.33 -3.36 -8.69
C ASP A 33 2.88 -4.36 -9.70
N LEU A 34 3.35 -5.50 -9.20
CA LEU A 34 3.91 -6.54 -10.06
C LEU A 34 3.45 -7.93 -9.61
N GLY A 1 8.73 -8.95 8.75
CA GLY A 1 8.27 -8.35 9.99
C GLY A 1 6.75 -8.24 10.05
N ASP A 2 6.24 -7.04 9.77
CA ASP A 2 4.80 -6.81 9.80
C ASP A 2 4.43 -5.61 8.93
N CYS A 3 3.83 -5.89 7.78
CA CYS A 3 3.42 -4.84 6.85
C CYS A 3 1.92 -4.60 6.93
N LEU A 4 1.47 -3.51 6.30
CA LEU A 4 0.05 -3.16 6.30
C LEU A 4 -0.77 -4.20 5.55
N GLY A 5 -0.39 -4.46 4.30
CA GLY A 5 -1.10 -5.43 3.50
C GLY A 5 -1.98 -4.79 2.44
N TRP A 6 -2.12 -5.46 1.29
CA TRP A 6 -2.93 -4.94 0.21
C TRP A 6 -4.32 -4.55 0.70
N PHE A 7 -4.83 -5.29 1.69
CA PHE A 7 -6.14 -5.03 2.25
C PHE A 7 -6.12 -3.76 3.11
N SER A 8 -5.03 -3.58 3.85
CA SER A 8 -4.89 -2.42 4.72
C SER A 8 -4.71 -1.14 3.90
N GLY A 9 -5.34 -0.06 4.36
CA GLY A 9 -5.25 1.21 3.66
C GLY A 9 -3.98 1.96 4.00
N CYS A 10 -3.36 2.55 2.98
CA CYS A 10 -2.13 3.31 3.16
C CYS A 10 -2.11 4.55 2.27
N ASP A 11 -1.15 5.43 2.51
CA ASP A 11 -1.01 6.65 1.73
C ASP A 11 0.24 6.61 0.87
N PRO A 12 0.27 7.46 -0.17
CA PRO A 12 1.41 7.55 -1.10
C PRO A 12 2.65 8.15 -0.43
N ASN A 13 2.42 9.07 0.50
CA ASN A 13 3.51 9.72 1.21
C ASN A 13 3.90 8.94 2.46
N ASN A 14 2.94 8.23 3.04
CA ASN A 14 3.18 7.44 4.23
C ASN A 14 3.00 5.96 3.96
N ASN A 15 3.55 5.50 2.83
CA ASN A 15 3.46 4.09 2.45
C ASN A 15 4.05 3.20 3.53
N LYS A 16 3.24 2.23 3.99
CA LYS A 16 3.67 1.30 5.03
C LYS A 16 3.25 -0.12 4.68
N CYS A 17 3.29 -0.46 3.39
CA CYS A 17 2.90 -1.79 2.94
C CYS A 17 4.14 -2.63 2.66
N CYS A 18 3.92 -3.91 2.32
CA CYS A 18 5.01 -4.82 2.03
C CYS A 18 5.45 -4.71 0.58
N GLU A 19 6.65 -5.20 0.27
CA GLU A 19 7.18 -5.15 -1.08
C GLU A 19 6.18 -5.74 -2.07
N GLY A 20 5.89 -4.97 -3.13
CA GLY A 20 4.95 -5.43 -4.14
C GLY A 20 3.72 -4.54 -4.24
N TYR A 21 3.31 -3.97 -3.10
CA TYR A 21 2.15 -3.09 -3.07
C TYR A 21 2.56 -1.63 -3.25
N VAL A 22 1.60 -0.79 -3.62
CA VAL A 22 1.86 0.63 -3.82
C VAL A 22 0.65 1.47 -3.44
N CYS A 23 0.89 2.53 -2.67
CA CYS A 23 -0.18 3.41 -2.23
C CYS A 23 -0.40 4.53 -3.23
N HIS A 24 -0.65 4.16 -4.49
CA HIS A 24 -0.88 5.15 -5.54
C HIS A 24 -2.01 6.10 -5.17
N TRP A 25 -1.81 7.39 -5.44
CA TRP A 25 -2.81 8.40 -5.12
C TRP A 25 -4.17 8.01 -5.69
N LYS A 26 -4.16 7.22 -6.75
CA LYS A 26 -5.40 6.78 -7.39
C LYS A 26 -6.38 6.26 -6.36
N TYR A 27 -5.91 5.37 -5.50
CA TYR A 27 -6.76 4.79 -4.45
C TYR A 27 -6.00 4.67 -3.14
N PRO A 28 -6.73 4.70 -2.02
CA PRO A 28 -6.15 4.60 -0.68
C PRO A 28 -5.60 3.20 -0.39
N TRP A 29 -6.40 2.18 -0.68
CA TRP A 29 -5.99 0.80 -0.45
C TRP A 29 -4.72 0.47 -1.22
N CYS A 30 -3.87 -0.35 -0.64
CA CYS A 30 -2.61 -0.74 -1.27
C CYS A 30 -2.87 -1.56 -2.53
N ARG A 31 -2.62 -0.94 -3.68
CA ARG A 31 -2.82 -1.61 -4.97
C ARG A 31 -1.57 -2.39 -5.38
N TYR A 32 -1.77 -3.50 -6.07
CA TYR A 32 -0.66 -4.34 -6.52
C TYR A 32 -0.02 -3.74 -7.78
N ASP A 33 1.31 -3.80 -7.82
CA ASP A 33 2.05 -3.28 -8.97
C ASP A 33 3.04 -4.31 -9.49
N LEU A 34 2.55 -5.25 -10.29
CA LEU A 34 3.38 -6.29 -10.86
C LEU A 34 2.85 -6.75 -12.21
N GLY A 1 2.03 -9.02 12.26
CA GLY A 1 1.89 -8.30 11.00
C GLY A 1 2.75 -7.05 10.96
N ASP A 2 3.94 -7.18 10.37
CA ASP A 2 4.86 -6.06 10.26
C ASP A 2 4.27 -4.95 9.40
N CYS A 3 4.15 -5.22 8.11
CA CYS A 3 3.60 -4.24 7.17
C CYS A 3 2.08 -4.17 7.30
N LEU A 4 1.46 -3.32 6.48
CA LEU A 4 0.01 -3.15 6.50
C LEU A 4 -0.67 -4.24 5.67
N GLY A 5 -0.26 -4.35 4.40
CA GLY A 5 -0.84 -5.34 3.52
C GLY A 5 -1.81 -4.74 2.53
N TRP A 6 -1.95 -5.39 1.37
CA TRP A 6 -2.85 -4.91 0.33
C TRP A 6 -4.24 -4.63 0.89
N PHE A 7 -4.64 -5.41 1.90
CA PHE A 7 -5.94 -5.25 2.52
C PHE A 7 -6.01 -3.92 3.27
N SER A 8 -4.96 -3.59 4.00
CA SER A 8 -4.90 -2.35 4.77
C SER A 8 -4.65 -1.16 3.85
N GLY A 9 -5.35 -0.06 4.12
CA GLY A 9 -5.19 1.14 3.32
C GLY A 9 -4.18 2.11 3.91
N CYS A 10 -3.37 2.71 3.05
CA CYS A 10 -2.36 3.66 3.49
C CYS A 10 -2.23 4.82 2.50
N ASP A 11 -1.49 5.85 2.90
CA ASP A 11 -1.29 7.02 2.05
C ASP A 11 -0.15 6.78 1.07
N PRO A 12 -0.13 7.58 -0.02
CA PRO A 12 0.90 7.46 -1.05
C PRO A 12 2.27 7.92 -0.56
N ASN A 13 2.28 8.87 0.36
CA ASN A 13 3.52 9.39 0.91
C ASN A 13 3.96 8.58 2.14
N ASN A 14 2.99 7.99 2.82
CA ASN A 14 3.26 7.19 4.00
C ASN A 14 3.11 5.70 3.71
N ASN A 15 3.62 5.27 2.56
CA ASN A 15 3.54 3.87 2.16
C ASN A 15 4.08 2.96 3.26
N LYS A 16 3.16 2.28 3.95
CA LYS A 16 3.54 1.37 5.03
C LYS A 16 3.11 -0.06 4.71
N CYS A 17 3.16 -0.42 3.43
CA CYS A 17 2.77 -1.76 3.00
C CYS A 17 4.00 -2.61 2.70
N CYS A 18 3.77 -3.88 2.37
CA CYS A 18 4.86 -4.80 2.06
C CYS A 18 5.26 -4.68 0.60
N GLU A 19 6.45 -5.21 0.27
CA GLU A 19 6.94 -5.17 -1.09
C GLU A 19 5.90 -5.73 -2.07
N GLY A 20 5.70 -5.00 -3.17
CA GLY A 20 4.74 -5.44 -4.16
C GLY A 20 3.50 -4.57 -4.19
N TYR A 21 3.11 -4.06 -3.01
CA TYR A 21 1.93 -3.21 -2.90
C TYR A 21 2.31 -1.74 -2.98
N VAL A 22 1.35 -0.91 -3.37
CA VAL A 22 1.57 0.52 -3.49
C VAL A 22 0.28 1.30 -3.28
N CYS A 23 0.32 2.28 -2.38
CA CYS A 23 -0.85 3.10 -2.10
C CYS A 23 -0.90 4.32 -3.02
N HIS A 24 -0.92 4.06 -4.33
CA HIS A 24 -0.97 5.14 -5.31
C HIS A 24 -2.10 6.11 -5.02
N TRP A 25 -1.89 7.39 -5.33
CA TRP A 25 -2.89 8.41 -5.09
C TRP A 25 -4.25 7.99 -5.67
N LYS A 26 -4.20 7.16 -6.70
CA LYS A 26 -5.43 6.68 -7.34
C LYS A 26 -6.43 6.20 -6.31
N TYR A 27 -5.99 5.33 -5.41
CA TYR A 27 -6.85 4.80 -4.36
C TYR A 27 -6.11 4.70 -3.04
N PRO A 28 -6.86 4.78 -1.92
CA PRO A 28 -6.29 4.70 -0.58
C PRO A 28 -5.77 3.31 -0.25
N TRP A 29 -6.52 2.30 -0.66
CA TRP A 29 -6.12 0.91 -0.40
C TRP A 29 -4.86 0.55 -1.18
N CYS A 30 -4.00 -0.26 -0.56
CA CYS A 30 -2.75 -0.68 -1.20
C CYS A 30 -3.04 -1.59 -2.38
N ARG A 31 -2.70 -1.12 -3.58
CA ARG A 31 -2.91 -1.90 -4.79
C ARG A 31 -1.65 -2.68 -5.17
N TYR A 32 -1.82 -3.67 -6.04
CA TYR A 32 -0.70 -4.50 -6.47
C TYR A 32 0.07 -3.83 -7.61
N ASP A 33 1.39 -3.96 -7.58
CA ASP A 33 2.24 -3.36 -8.61
C ASP A 33 2.27 -4.23 -9.86
N LEU A 34 2.76 -5.46 -9.71
CA LEU A 34 2.85 -6.39 -10.83
C LEU A 34 1.60 -7.27 -10.90
N GLY A 1 3.10 -8.64 12.97
CA GLY A 1 3.01 -8.07 11.64
C GLY A 1 4.10 -7.05 11.38
N ASP A 2 4.56 -6.98 10.13
CA ASP A 2 5.61 -6.05 9.75
C ASP A 2 5.07 -4.99 8.79
N CYS A 3 4.31 -5.43 7.79
CA CYS A 3 3.74 -4.52 6.81
C CYS A 3 2.23 -4.44 6.95
N LEU A 4 1.60 -3.57 6.16
CA LEU A 4 0.15 -3.40 6.20
C LEU A 4 -0.55 -4.45 5.34
N GLY A 5 -0.16 -4.52 4.08
CA GLY A 5 -0.76 -5.49 3.18
C GLY A 5 -1.75 -4.85 2.21
N TRP A 6 -1.88 -5.45 1.03
CA TRP A 6 -2.80 -4.93 0.01
C TRP A 6 -4.18 -4.69 0.60
N PHE A 7 -4.57 -5.53 1.55
CA PHE A 7 -5.88 -5.41 2.19
C PHE A 7 -5.97 -4.11 2.99
N SER A 8 -4.90 -3.77 3.69
CA SER A 8 -4.87 -2.55 4.49
C SER A 8 -4.62 -1.32 3.61
N GLY A 9 -5.28 -0.22 3.96
CA GLY A 9 -5.13 1.00 3.20
C GLY A 9 -4.10 1.93 3.81
N CYS A 10 -3.29 2.56 2.96
CA CYS A 10 -2.26 3.49 3.42
C CYS A 10 -2.13 4.67 2.48
N ASP A 11 -1.38 5.69 2.91
CA ASP A 11 -1.18 6.88 2.09
C ASP A 11 -0.01 6.68 1.13
N PRO A 12 0.04 7.51 0.07
CA PRO A 12 1.09 7.45 -0.94
C PRO A 12 2.44 7.91 -0.39
N ASN A 13 2.40 8.84 0.55
CA ASN A 13 3.62 9.37 1.15
C ASN A 13 4.03 8.54 2.36
N ASN A 14 3.06 7.92 3.01
CA ASN A 14 3.30 7.10 4.18
C ASN A 14 3.12 5.62 3.87
N ASN A 15 3.65 5.19 2.73
CA ASN A 15 3.55 3.80 2.31
C ASN A 15 4.01 2.86 3.43
N LYS A 16 3.09 2.07 3.94
CA LYS A 16 3.39 1.12 5.01
C LYS A 16 2.96 -0.29 4.63
N CYS A 17 3.08 -0.62 3.35
CA CYS A 17 2.69 -1.94 2.85
C CYS A 17 3.93 -2.79 2.56
N CYS A 18 3.71 -4.04 2.18
CA CYS A 18 4.80 -4.96 1.87
C CYS A 18 5.25 -4.80 0.43
N GLU A 19 6.46 -5.26 0.14
CA GLU A 19 7.01 -5.17 -1.21
C GLU A 19 6.03 -5.71 -2.24
N GLY A 20 5.82 -4.95 -3.31
CA GLY A 20 4.91 -5.38 -4.35
C GLY A 20 3.65 -4.52 -4.41
N TYR A 21 3.23 -4.02 -3.25
CA TYR A 21 2.04 -3.18 -3.18
C TYR A 21 2.41 -1.70 -3.19
N VAL A 22 1.46 -0.86 -3.59
CA VAL A 22 1.69 0.57 -3.65
C VAL A 22 0.39 1.34 -3.43
N CYS A 23 0.42 2.29 -2.51
CA CYS A 23 -0.76 3.11 -2.20
C CYS A 23 -0.82 4.34 -3.08
N HIS A 24 -0.85 4.13 -4.40
CA HIS A 24 -0.90 5.24 -5.35
C HIS A 24 -2.02 6.20 -5.00
N TRP A 25 -1.80 7.48 -5.28
CA TRP A 25 -2.79 8.51 -5.00
C TRP A 25 -4.14 8.13 -5.58
N LYS A 26 -4.13 7.33 -6.64
CA LYS A 26 -5.36 6.90 -7.28
C LYS A 26 -6.37 6.39 -6.26
N TYR A 27 -5.91 5.48 -5.39
CA TYR A 27 -6.78 4.91 -4.36
C TYR A 27 -6.02 4.76 -3.05
N PRO A 28 -6.77 4.81 -1.93
CA PRO A 28 -6.20 4.67 -0.59
C PRO A 28 -5.68 3.27 -0.31
N TRP A 29 -6.43 2.27 -0.76
CA TRP A 29 -6.05 0.87 -0.55
C TRP A 29 -4.79 0.53 -1.35
N CYS A 30 -3.93 -0.29 -0.76
CA CYS A 30 -2.70 -0.69 -1.42
C CYS A 30 -2.98 -1.58 -2.64
N ARG A 31 -2.66 -1.06 -3.82
CA ARG A 31 -2.89 -1.80 -5.05
C ARG A 31 -1.62 -2.52 -5.50
N TYR A 32 -1.79 -3.67 -6.14
CA TYR A 32 -0.66 -4.47 -6.62
C TYR A 32 0.18 -3.67 -7.61
N ASP A 33 1.46 -4.00 -7.68
CA ASP A 33 2.38 -3.32 -8.59
C ASP A 33 2.98 -4.30 -9.59
N LEU A 34 3.24 -5.52 -9.13
CA LEU A 34 3.82 -6.55 -9.99
C LEU A 34 3.00 -7.84 -9.91
#